data_8C8I
#
_entry.id   8C8I
#
_cell.length_a   78.450
_cell.length_b   82.660
_cell.length_c   139.600
_cell.angle_alpha   90.00
_cell.angle_beta   90.00
_cell.angle_gamma   90.00
#
_symmetry.space_group_name_H-M   'P 21 21 21'
#
loop_
_entity.id
_entity.type
_entity.pdbx_description
1 polymer "Deoxyuridine 5'-triphosphate nucleotidohydrolase, mitochondrial"
2 polymer Orf20
3 non-polymer 'MAGNESIUM ION'
#
loop_
_entity_poly.entity_id
_entity_poly.type
_entity_poly.pdbx_seq_one_letter_code
_entity_poly.pdbx_strand_id
1 'polypeptide(L)'
;MQLRFARLSEHATAPTRGSARAAGYDLYSAYDYTIPPMEKAVVKTDIQIALPSGCYGRVAPRSGLAAKHFIDVGAGVIDE
DYRGNVGVVLFNFGKEKFEVKKGDRIAQLICERIFYPEIEEVQALDDT
;
A,B,C
2 'polypeptide(L)'
;MAELPTHYGTIIKTLRKYMKLTQSKLSERTGFSQNTISNHENGNRNIGVNEIEIYGKGLGIPSYILHRISDEFKEKGYSP
TLNDFGKFDKMYSYVNKAYYNDGDIYYSSYDLYDETIKLLELLKESKINVNDIDYDYVLKLYKQILS
;
D,E,F
#
loop_
_chem_comp.id
_chem_comp.type
_chem_comp.name
_chem_comp.formula
MG non-polymer 'MAGNESIUM ION' 'Mg 2'
#
# COMPACT_ATOMS: atom_id res chain seq x y z
N MET A 1 11.96 -15.23 6.84
CA MET A 1 13.26 -14.87 6.28
C MET A 1 13.70 -13.43 6.58
N GLN A 2 14.73 -13.02 5.87
CA GLN A 2 15.40 -11.73 5.97
C GLN A 2 15.28 -10.99 4.64
N LEU A 3 15.81 -9.77 4.61
CA LEU A 3 15.87 -8.97 3.38
C LEU A 3 17.34 -8.93 2.96
N ARG A 4 17.72 -9.81 2.03
CA ARG A 4 19.07 -9.83 1.48
C ARG A 4 19.17 -8.75 0.41
N PHE A 5 20.29 -8.00 0.41
CA PHE A 5 20.56 -7.05 -0.67
C PHE A 5 22.01 -7.20 -1.13
N ALA A 6 22.36 -6.46 -2.19
CA ALA A 6 23.71 -6.50 -2.73
C ALA A 6 23.98 -5.21 -3.48
N ARG A 7 25.16 -4.64 -3.28
CA ARG A 7 25.50 -3.40 -3.96
C ARG A 7 25.85 -3.68 -5.41
N LEU A 8 25.30 -2.88 -6.31
CA LEU A 8 25.55 -3.02 -7.74
C LEU A 8 26.65 -2.08 -8.23
N SER A 9 27.09 -1.14 -7.40
CA SER A 9 28.13 -0.20 -7.80
C SER A 9 28.80 0.37 -6.56
N GLU A 10 29.89 1.11 -6.79
CA GLU A 10 30.58 1.81 -5.72
C GLU A 10 29.71 2.86 -5.06
N HIS A 11 28.62 3.27 -5.72
CA HIS A 11 27.89 4.48 -5.36
C HIS A 11 26.69 4.22 -4.46
N ALA A 12 26.39 2.97 -4.13
CA ALA A 12 25.16 2.64 -3.44
C ALA A 12 25.35 2.71 -1.94
N THR A 13 24.30 3.18 -1.26
CA THR A 13 24.22 3.13 0.20
C THR A 13 23.39 1.91 0.62
N ALA A 14 23.85 1.23 1.67
CA ALA A 14 23.08 0.12 2.19
C ALA A 14 21.77 0.64 2.79
N PRO A 15 20.65 -0.02 2.50
CA PRO A 15 19.40 0.39 3.14
C PRO A 15 19.55 0.37 4.65
N THR A 16 19.00 1.39 5.30
CA THR A 16 19.09 1.55 6.74
C THR A 16 17.69 1.65 7.34
N ARG A 17 17.58 1.31 8.61
CA ARG A 17 16.32 1.45 9.33
C ARG A 17 16.63 1.98 10.72
N GLY A 18 16.01 3.10 11.08
CA GLY A 18 16.25 3.76 12.35
C GLY A 18 15.79 2.98 13.57
N SER A 19 14.49 2.84 13.73
CA SER A 19 13.93 2.11 14.86
C SER A 19 13.87 0.62 14.54
N ALA A 20 13.76 -0.19 15.59
CA ALA A 20 13.52 -1.61 15.42
C ALA A 20 12.11 -1.89 14.91
N ARG A 21 11.20 -0.93 15.08
CA ARG A 21 9.77 -1.14 14.67
C ARG A 21 9.36 -0.09 13.64
N ALA A 22 10.29 0.32 12.77
CA ALA A 22 9.99 1.30 11.73
C ALA A 22 9.44 0.59 10.50
N ALA A 23 8.50 1.26 9.82
CA ALA A 23 7.72 0.58 8.79
C ALA A 23 8.57 0.12 7.63
N GLY A 24 9.59 0.88 7.26
CA GLY A 24 10.37 0.58 6.09
C GLY A 24 11.85 0.82 6.30
N TYR A 25 12.64 0.25 5.38
CA TYR A 25 14.05 0.58 5.27
C TYR A 25 14.24 1.78 4.36
N ASP A 26 15.15 2.67 4.74
CA ASP A 26 15.43 3.85 3.94
C ASP A 26 16.19 3.46 2.67
N LEU A 27 15.80 4.06 1.54
CA LEU A 27 16.48 3.89 0.27
C LEU A 27 17.20 5.17 -0.13
N TYR A 28 18.46 5.04 -0.52
CA TYR A 28 19.29 6.19 -0.87
C TYR A 28 19.59 6.20 -2.36
N SER A 29 19.53 7.39 -2.96
CA SER A 29 19.94 7.55 -4.34
C SER A 29 21.43 7.30 -4.47
N ALA A 30 21.83 6.86 -5.67
CA ALA A 30 23.24 6.63 -5.98
C ALA A 30 23.81 7.68 -6.92
N TYR A 31 23.02 8.67 -7.32
CA TYR A 31 23.47 9.64 -8.31
C TYR A 31 22.79 10.99 -8.05
N ASP A 32 23.29 12.03 -8.73
CA ASP A 32 22.65 13.34 -8.70
C ASP A 32 21.58 13.41 -9.78
N TYR A 33 20.42 13.95 -9.40
CA TYR A 33 19.30 14.17 -10.32
C TYR A 33 18.68 15.54 -10.04
N THR A 34 18.27 16.24 -11.09
CA THR A 34 17.48 17.46 -10.95
C THR A 34 16.13 17.22 -11.60
N ILE A 35 15.08 17.17 -10.80
CA ILE A 35 13.73 16.93 -11.28
C ILE A 35 13.05 18.28 -11.46
N PRO A 36 12.67 18.67 -12.69
CA PRO A 36 11.94 19.92 -12.89
C PRO A 36 10.58 19.86 -12.25
N PRO A 37 9.96 21.01 -11.97
CA PRO A 37 8.59 20.99 -11.44
C PRO A 37 7.66 20.23 -12.38
N MET A 38 6.69 19.54 -11.76
CA MET A 38 5.67 18.78 -12.50
C MET A 38 6.31 17.75 -13.44
N GLU A 39 7.45 17.20 -13.03
CA GLU A 39 8.16 16.23 -13.85
C GLU A 39 8.58 15.08 -12.94
N LYS A 40 9.23 14.09 -13.55
CA LYS A 40 9.42 12.79 -12.92
C LYS A 40 10.80 12.27 -13.25
N ALA A 41 11.35 11.46 -12.35
CA ALA A 41 12.66 10.88 -12.55
C ALA A 41 12.69 9.47 -11.98
N VAL A 42 13.40 8.57 -12.66
CA VAL A 42 13.64 7.23 -12.16
C VAL A 42 14.99 7.26 -11.46
N VAL A 43 14.98 7.35 -10.13
CA VAL A 43 16.21 7.46 -9.35
C VAL A 43 16.75 6.07 -9.02
N LYS A 44 17.93 5.75 -9.55
CA LYS A 44 18.52 4.44 -9.32
C LYS A 44 19.22 4.39 -7.97
N THR A 45 19.08 3.26 -7.27
CA THR A 45 19.74 3.07 -5.98
C THR A 45 21.00 2.23 -6.09
N ASP A 46 21.19 1.53 -7.20
CA ASP A 46 22.35 0.67 -7.42
C ASP A 46 22.41 -0.43 -6.36
N ILE A 47 21.25 -0.89 -5.90
CA ILE A 47 21.16 -2.07 -5.06
C ILE A 47 20.13 -3.03 -5.66
N GLN A 48 20.35 -4.32 -5.46
CA GLN A 48 19.41 -5.35 -5.84
C GLN A 48 18.96 -6.03 -4.56
N ILE A 49 17.70 -6.45 -4.52
CA ILE A 49 17.13 -7.01 -3.32
C ILE A 49 16.52 -8.38 -3.59
N ALA A 50 16.34 -9.13 -2.52
CA ALA A 50 15.57 -10.37 -2.51
C ALA A 50 14.67 -10.30 -1.29
N LEU A 51 13.38 -10.15 -1.50
CA LEU A 51 12.48 -9.92 -0.38
C LEU A 51 12.17 -11.25 0.31
N PRO A 52 11.91 -11.20 1.62
CA PRO A 52 11.45 -12.40 2.32
C PRO A 52 10.17 -12.94 1.70
N SER A 53 9.92 -14.22 1.94
CA SER A 53 8.77 -14.86 1.30
C SER A 53 7.48 -14.38 1.92
N GLY A 54 6.43 -14.34 1.11
CA GLY A 54 5.12 -13.94 1.60
C GLY A 54 4.89 -12.46 1.60
N CYS A 55 5.61 -11.71 0.77
CA CYS A 55 5.47 -10.26 0.72
C CYS A 55 6.06 -9.76 -0.59
N TYR A 56 5.70 -8.53 -0.95
CA TYR A 56 6.34 -7.79 -2.02
C TYR A 56 6.91 -6.51 -1.40
N GLY A 57 7.80 -5.83 -2.12
CA GLY A 57 8.40 -4.61 -1.63
C GLY A 57 7.72 -3.38 -2.18
N ARG A 58 7.14 -2.59 -1.27
CA ARG A 58 6.50 -1.34 -1.65
C ARG A 58 7.46 -0.18 -1.45
N VAL A 59 7.77 0.53 -2.52
CA VAL A 59 8.62 1.71 -2.45
C VAL A 59 7.72 2.88 -2.05
N ALA A 60 7.75 3.26 -0.78
CA ALA A 60 6.79 4.18 -0.22
C ALA A 60 7.36 5.57 -0.01
N PRO A 61 6.50 6.58 0.10
CA PRO A 61 7.01 7.96 0.25
C PRO A 61 7.54 8.25 1.64
N ARG A 62 8.49 9.19 1.70
CA ARG A 62 8.93 9.74 2.97
C ARG A 62 8.04 10.93 3.29
N SER A 63 7.50 10.96 4.51
CA SER A 63 6.52 11.99 4.86
C SER A 63 7.15 13.38 4.81
N GLY A 64 8.41 13.51 5.22
CA GLY A 64 9.09 14.77 5.11
C GLY A 64 9.02 15.33 3.69
N LEU A 65 9.66 14.64 2.75
CA LEU A 65 9.69 15.10 1.36
C LEU A 65 8.29 15.40 0.82
N ALA A 66 7.27 14.66 1.28
CA ALA A 66 5.93 14.85 0.75
C ALA A 66 5.31 16.15 1.25
N ALA A 67 5.36 16.37 2.57
CA ALA A 67 4.69 17.53 3.16
C ALA A 67 5.44 18.83 2.85
N LYS A 68 6.76 18.78 2.74
CA LYS A 68 7.57 20.00 2.65
C LYS A 68 8.01 20.35 1.23
N HIS A 69 8.21 19.36 0.36
CA HIS A 69 8.66 19.61 -1.00
C HIS A 69 7.76 18.98 -2.06
N PHE A 70 6.61 18.43 -1.65
CA PHE A 70 5.57 17.97 -2.59
C PHE A 70 6.08 16.85 -3.49
N ILE A 71 6.78 15.90 -2.89
CA ILE A 71 7.40 14.79 -3.60
C ILE A 71 6.61 13.53 -3.30
N ASP A 72 6.12 12.88 -4.35
CA ASP A 72 5.45 11.58 -4.24
C ASP A 72 6.26 10.50 -4.95
N VAL A 73 5.86 9.25 -4.69
CA VAL A 73 6.50 8.08 -5.26
C VAL A 73 5.50 7.37 -6.18
N GLY A 74 5.76 7.42 -7.47
CA GLY A 74 4.96 6.67 -8.40
C GLY A 74 5.39 5.21 -8.45
N ALA A 75 4.54 4.41 -9.09
CA ALA A 75 4.81 2.97 -9.25
C ALA A 75 5.09 2.40 -7.86
N GLY A 76 6.22 1.74 -7.64
CA GLY A 76 6.63 1.35 -6.32
C GLY A 76 6.29 -0.06 -5.91
N VAL A 77 5.90 -0.92 -6.85
CA VAL A 77 5.74 -2.35 -6.62
C VAL A 77 7.01 -3.05 -7.05
N ILE A 78 7.67 -3.73 -6.10
CA ILE A 78 8.84 -4.56 -6.37
C ILE A 78 8.42 -6.01 -6.24
N ASP A 79 8.52 -6.78 -7.33
CA ASP A 79 8.12 -8.18 -7.29
C ASP A 79 9.10 -9.00 -6.45
N GLU A 80 8.64 -10.18 -6.03
CA GLU A 80 9.50 -11.06 -5.24
C GLU A 80 10.72 -11.50 -6.01
N ASP A 81 10.60 -11.62 -7.34
CA ASP A 81 11.68 -12.14 -8.16
C ASP A 81 12.49 -11.05 -8.83
N TYR A 82 12.13 -9.78 -8.65
CA TYR A 82 12.87 -8.72 -9.31
C TYR A 82 14.29 -8.69 -8.73
N ARG A 83 15.28 -8.94 -9.58
CA ARG A 83 16.68 -9.05 -9.15
C ARG A 83 17.55 -7.97 -9.76
N GLY A 84 16.96 -7.00 -10.45
CA GLY A 84 17.70 -5.89 -10.98
C GLY A 84 17.84 -4.75 -9.99
N ASN A 85 18.27 -3.61 -10.54
CA ASN A 85 18.58 -2.42 -9.77
C ASN A 85 17.31 -1.74 -9.29
N VAL A 86 17.12 -1.70 -7.97
CA VAL A 86 15.93 -1.06 -7.42
C VAL A 86 15.92 0.42 -7.76
N GLY A 87 14.90 0.86 -8.48
CA GLY A 87 14.73 2.26 -8.83
C GLY A 87 13.51 2.84 -8.13
N VAL A 88 13.56 4.14 -7.87
CA VAL A 88 12.49 4.87 -7.21
C VAL A 88 11.97 5.93 -8.17
N VAL A 89 10.70 5.80 -8.57
CA VAL A 89 10.08 6.76 -9.50
C VAL A 89 9.58 7.96 -8.69
N LEU A 90 10.25 9.10 -8.83
CA LEU A 90 9.91 10.27 -8.05
C LEU A 90 9.07 11.23 -8.90
N PHE A 91 7.97 11.71 -8.31
CA PHE A 91 7.13 12.72 -8.92
C PHE A 91 7.38 14.02 -8.17
N ASN A 92 7.80 15.07 -8.88
CA ASN A 92 7.94 16.38 -8.25
C ASN A 92 6.71 17.20 -8.65
N PHE A 93 5.77 17.33 -7.73
CA PHE A 93 4.54 18.07 -7.94
C PHE A 93 4.64 19.51 -7.43
N GLY A 94 5.84 19.96 -7.08
CA GLY A 94 6.02 21.30 -6.56
C GLY A 94 6.04 22.34 -7.65
N LYS A 95 6.10 23.60 -7.23
CA LYS A 95 6.22 24.67 -8.20
C LYS A 95 7.67 24.91 -8.60
N GLU A 96 8.61 24.55 -7.73
CA GLU A 96 10.04 24.69 -8.00
C GLU A 96 10.65 23.36 -8.41
N LYS A 97 11.94 23.37 -8.71
CA LYS A 97 12.68 22.14 -8.98
C LYS A 97 13.12 21.49 -7.68
N PHE A 98 13.40 20.18 -7.75
CA PHE A 98 13.83 19.41 -6.59
C PHE A 98 15.14 18.71 -6.93
N GLU A 99 16.07 18.71 -5.98
CA GLU A 99 17.46 18.35 -6.21
C GLU A 99 17.78 17.08 -5.43
N VAL A 100 18.10 16.01 -6.16
CA VAL A 100 18.54 14.74 -5.56
C VAL A 100 20.06 14.66 -5.66
N LYS A 101 20.72 14.48 -4.52
CA LYS A 101 22.16 14.25 -4.48
C LYS A 101 22.43 12.81 -4.05
N LYS A 102 23.54 12.24 -4.54
CA LYS A 102 23.92 10.90 -4.11
C LYS A 102 23.90 10.83 -2.59
N GLY A 103 23.44 9.70 -2.07
CA GLY A 103 23.32 9.51 -0.65
C GLY A 103 22.12 10.17 0.00
N ASP A 104 21.24 10.80 -0.78
CA ASP A 104 20.01 11.34 -0.24
C ASP A 104 18.98 10.23 -0.02
N ARG A 105 18.16 10.40 1.02
CA ARG A 105 17.03 9.52 1.26
C ARG A 105 15.84 9.96 0.40
N ILE A 106 15.32 9.05 -0.42
CA ILE A 106 14.25 9.43 -1.33
C ILE A 106 13.04 8.52 -1.23
N ALA A 107 13.14 7.45 -0.46
CA ALA A 107 11.97 6.61 -0.23
C ALA A 107 12.26 5.66 0.93
N GLN A 108 11.27 4.82 1.24
CA GLN A 108 11.44 3.69 2.15
C GLN A 108 10.92 2.45 1.44
N LEU A 109 11.43 1.30 1.87
CA LEU A 109 11.08 0.00 1.30
C LEU A 109 10.32 -0.82 2.34
N ILE A 110 9.01 -0.93 2.16
CA ILE A 110 8.17 -1.67 3.09
C ILE A 110 7.86 -3.04 2.54
N CYS A 111 7.95 -4.06 3.41
CA CYS A 111 7.70 -5.45 3.04
C CYS A 111 6.23 -5.77 3.28
N GLU A 112 5.40 -5.33 2.34
CA GLU A 112 3.96 -5.51 2.40
C GLU A 112 3.63 -7.00 2.27
N ARG A 113 2.92 -7.55 3.26
CA ARG A 113 2.52 -8.95 3.21
C ARG A 113 1.27 -9.11 2.35
N ILE A 114 1.31 -10.02 1.39
CA ILE A 114 0.23 -10.22 0.45
C ILE A 114 -0.07 -11.71 0.30
N PHE A 115 -1.26 -11.99 -0.21
CA PHE A 115 -1.59 -13.32 -0.71
C PHE A 115 -1.16 -13.44 -2.17
N TYR A 116 -0.96 -14.68 -2.60
CA TYR A 116 -0.73 -15.02 -4.01
C TYR A 116 -1.86 -15.94 -4.44
N PRO A 117 -3.05 -15.39 -4.65
CA PRO A 117 -4.24 -16.22 -4.80
C PRO A 117 -4.42 -16.75 -6.21
N GLU A 118 -5.16 -17.85 -6.27
CA GLU A 118 -5.55 -18.48 -7.52
C GLU A 118 -6.78 -17.78 -8.06
N ILE A 119 -6.79 -17.52 -9.37
CA ILE A 119 -7.93 -16.84 -9.99
C ILE A 119 -8.88 -17.91 -10.51
N GLU A 120 -10.18 -17.61 -10.44
CA GLU A 120 -11.20 -18.61 -10.76
C GLU A 120 -12.43 -17.86 -11.26
N GLU A 121 -12.80 -18.08 -12.51
CA GLU A 121 -13.94 -17.39 -13.10
C GLU A 121 -15.24 -18.05 -12.67
N VAL A 122 -16.28 -17.24 -12.47
CA VAL A 122 -17.61 -17.70 -12.14
C VAL A 122 -18.60 -16.96 -13.03
N GLN A 123 -19.81 -17.50 -13.11
CA GLN A 123 -20.87 -16.87 -13.89
C GLN A 123 -21.22 -15.49 -13.33
N ALA A 124 -21.58 -15.43 -12.05
CA ALA A 124 -21.68 -14.17 -11.33
C ALA A 124 -21.41 -14.43 -9.86
N LEU A 125 -21.20 -13.34 -9.11
CA LEU A 125 -20.98 -13.40 -7.68
C LEU A 125 -22.24 -12.96 -6.93
N ASP A 126 -22.55 -13.66 -5.85
CA ASP A 126 -23.68 -13.28 -4.99
C ASP A 126 -23.41 -11.91 -4.36
N ASP A 127 -24.34 -10.98 -4.61
CA ASP A 127 -24.20 -9.61 -4.10
C ASP A 127 -24.45 -9.56 -2.60
N MET B 1 -6.04 -7.06 16.41
CA MET B 1 -6.33 -6.94 17.85
C MET B 1 -7.23 -5.71 18.08
N GLN B 2 -6.73 -4.72 18.82
CA GLN B 2 -7.45 -3.47 18.99
C GLN B 2 -6.56 -2.35 18.45
N LEU B 3 -7.21 -1.25 18.08
CA LEU B 3 -6.52 -0.04 17.60
C LEU B 3 -6.85 1.07 18.58
N ARG B 4 -5.97 1.31 19.53
CA ARG B 4 -6.20 2.36 20.52
C ARG B 4 -5.88 3.72 19.90
N PHE B 5 -6.76 4.69 20.14
CA PHE B 5 -6.52 6.07 19.77
C PHE B 5 -6.84 6.95 20.97
N ALA B 6 -6.55 8.24 20.84
CA ALA B 6 -6.80 9.19 21.91
C ALA B 6 -6.99 10.57 21.29
N ARG B 7 -7.98 11.31 21.78
CA ARG B 7 -8.22 12.65 21.25
C ARG B 7 -7.18 13.62 21.81
N LEU B 8 -6.59 14.39 20.90
CA LEU B 8 -5.59 15.38 21.26
C LEU B 8 -6.18 16.75 21.47
N SER B 9 -7.45 16.95 21.12
CA SER B 9 -8.07 18.26 21.24
C SER B 9 -9.58 18.10 21.29
N GLU B 10 -10.24 19.21 21.63
CA GLU B 10 -11.69 19.26 21.65
C GLU B 10 -12.30 19.06 20.27
N HIS B 11 -11.52 19.23 19.22
CA HIS B 11 -12.01 19.36 17.86
C HIS B 11 -12.02 18.05 17.08
N ALA B 12 -11.56 16.97 17.68
CA ALA B 12 -11.34 15.73 16.94
C ALA B 12 -12.57 14.84 16.94
N THR B 13 -12.78 14.16 15.81
CA THR B 13 -13.78 13.12 15.70
C THR B 13 -13.14 11.75 15.87
N ALA B 14 -13.83 10.85 16.56
CA ALA B 14 -13.32 9.49 16.72
C ALA B 14 -13.37 8.74 15.39
N PRO B 15 -12.32 7.99 15.04
CA PRO B 15 -12.36 7.21 13.80
C PRO B 15 -13.52 6.23 13.78
N THR B 16 -14.18 6.14 12.63
CA THR B 16 -15.35 5.29 12.45
C THR B 16 -15.11 4.33 11.28
N ARG B 17 -15.82 3.21 11.28
CA ARG B 17 -15.75 2.27 10.18
C ARG B 17 -17.15 1.74 9.89
N GLY B 18 -17.56 1.83 8.62
CA GLY B 18 -18.90 1.44 8.25
C GLY B 18 -19.18 -0.04 8.43
N SER B 19 -18.57 -0.88 7.60
CA SER B 19 -18.75 -2.33 7.66
C SER B 19 -17.80 -2.96 8.64
N ALA B 20 -18.14 -4.18 9.07
CA ALA B 20 -17.24 -4.93 9.94
C ALA B 20 -16.01 -5.42 9.19
N ARG B 21 -16.06 -5.49 7.88
CA ARG B 21 -14.97 -5.98 7.06
C ARG B 21 -14.49 -4.91 6.07
N ALA B 22 -14.53 -3.64 6.48
CA ALA B 22 -14.05 -2.55 5.65
C ALA B 22 -12.56 -2.34 5.85
N ALA B 23 -11.88 -1.93 4.77
CA ALA B 23 -10.43 -1.98 4.75
C ALA B 23 -9.81 -1.03 5.77
N GLY B 24 -10.41 0.14 5.97
CA GLY B 24 -9.82 1.13 6.83
C GLY B 24 -10.87 1.88 7.64
N TYR B 25 -10.40 2.54 8.69
CA TYR B 25 -11.20 3.45 9.48
C TYR B 25 -11.18 4.85 8.85
N ASP B 26 -12.34 5.50 8.86
CA ASP B 26 -12.43 6.86 8.36
C ASP B 26 -11.68 7.81 9.28
N LEU B 27 -10.94 8.74 8.69
CA LEU B 27 -10.29 9.82 9.42
C LEU B 27 -10.97 11.15 9.09
N TYR B 28 -11.27 11.94 10.12
CA TYR B 28 -11.96 13.21 9.97
C TYR B 28 -11.05 14.38 10.31
N SER B 29 -11.13 15.43 9.51
CA SER B 29 -10.41 16.66 9.80
C SER B 29 -10.93 17.29 11.08
N ALA B 30 -10.04 18.00 11.77
CA ALA B 30 -10.41 18.72 12.98
C ALA B 30 -10.53 20.22 12.75
N TYR B 31 -10.31 20.68 11.52
CA TYR B 31 -10.30 22.10 11.24
C TYR B 31 -10.79 22.33 9.81
N ASP B 32 -11.03 23.59 9.49
CA ASP B 32 -11.34 23.98 8.12
C ASP B 32 -10.03 24.27 7.41
N TYR B 33 -9.93 23.81 6.17
CA TYR B 33 -8.79 24.11 5.31
C TYR B 33 -9.32 24.43 3.92
N THR B 34 -8.71 25.40 3.25
CA THR B 34 -8.97 25.67 1.85
C THR B 34 -7.67 25.39 1.09
N ILE B 35 -7.66 24.32 0.31
CA ILE B 35 -6.48 23.91 -0.45
C ILE B 35 -6.61 24.48 -1.86
N PRO B 36 -5.71 25.37 -2.28
CA PRO B 36 -5.77 25.88 -3.66
C PRO B 36 -5.52 24.78 -4.66
N PRO B 37 -5.93 24.98 -5.91
CA PRO B 37 -5.59 24.00 -6.95
C PRO B 37 -4.09 23.79 -7.04
N MET B 38 -3.71 22.55 -7.35
CA MET B 38 -2.30 22.17 -7.51
C MET B 38 -1.49 22.45 -6.25
N GLU B 39 -2.13 22.39 -5.09
CA GLU B 39 -1.45 22.66 -3.83
C GLU B 39 -1.86 21.61 -2.81
N LYS B 40 -1.28 21.72 -1.62
CA LYS B 40 -1.28 20.65 -0.64
C LYS B 40 -1.45 21.22 0.76
N ALA B 41 -2.05 20.42 1.63
CA ALA B 41 -2.22 20.81 3.02
C ALA B 41 -2.10 19.56 3.88
N VAL B 42 -1.46 19.70 5.04
CA VAL B 42 -1.38 18.63 6.01
C VAL B 42 -2.58 18.81 6.93
N VAL B 43 -3.62 18.00 6.70
CA VAL B 43 -4.86 18.14 7.45
C VAL B 43 -4.71 17.41 8.78
N LYS B 44 -4.77 18.16 9.88
CA LYS B 44 -4.60 17.59 11.20
C LYS B 44 -5.89 16.92 11.64
N THR B 45 -5.76 15.76 12.30
CA THR B 45 -6.90 15.05 12.85
C THR B 45 -7.04 15.21 14.36
N ASP B 46 -5.98 15.66 15.03
CA ASP B 46 -6.01 15.86 16.48
C ASP B 46 -6.32 14.54 17.21
N ILE B 47 -5.88 13.42 16.64
CA ILE B 47 -5.91 12.14 17.33
C ILE B 47 -4.52 11.51 17.23
N GLN B 48 -4.18 10.70 18.23
CA GLN B 48 -2.96 9.90 18.24
C GLN B 48 -3.38 8.45 18.29
N ILE B 49 -2.62 7.58 17.62
CA ILE B 49 -3.00 6.18 17.50
C ILE B 49 -1.85 5.30 17.96
N ALA B 50 -2.19 4.07 18.30
CA ALA B 50 -1.23 3.00 18.59
C ALA B 50 -1.71 1.77 17.85
N LEU B 51 -0.95 1.36 16.83
CA LEU B 51 -1.41 0.29 15.96
C LEU B 51 -1.18 -1.07 16.60
N PRO B 52 -2.02 -2.06 16.27
CA PRO B 52 -1.75 -3.43 16.73
C PRO B 52 -0.40 -3.91 16.24
N SER B 53 0.15 -4.91 16.92
CA SER B 53 1.49 -5.36 16.58
C SER B 53 1.48 -6.12 15.25
N GLY B 54 2.59 -6.00 14.52
CA GLY B 54 2.74 -6.66 13.24
C GLY B 54 2.20 -5.92 12.05
N CYS B 55 1.99 -4.62 12.16
CA CYS B 55 1.46 -3.84 11.05
C CYS B 55 1.86 -2.38 11.23
N TYR B 56 1.66 -1.60 10.17
CA TYR B 56 1.82 -0.16 10.21
C TYR B 56 0.51 0.44 9.71
N GLY B 57 0.34 1.75 9.92
CA GLY B 57 -0.85 2.44 9.47
C GLY B 57 -0.62 3.13 8.13
N ARG B 58 -1.41 2.74 7.14
CA ARG B 58 -1.40 3.41 5.84
C ARG B 58 -2.56 4.39 5.82
N VAL B 59 -2.26 5.68 5.59
CA VAL B 59 -3.30 6.68 5.39
C VAL B 59 -3.66 6.67 3.91
N ALA B 60 -4.76 6.03 3.56
CA ALA B 60 -5.09 5.75 2.17
C ALA B 60 -6.16 6.69 1.66
N PRO B 61 -6.29 6.80 0.34
CA PRO B 61 -7.25 7.75 -0.23
C PRO B 61 -8.69 7.25 -0.09
N ARG B 62 -9.62 8.20 -0.06
CA ARG B 62 -11.03 7.86 -0.18
C ARG B 62 -11.41 7.89 -1.65
N SER B 63 -12.10 6.84 -2.11
CA SER B 63 -12.36 6.68 -3.54
C SER B 63 -13.23 7.82 -4.07
N GLY B 64 -14.20 8.28 -3.29
CA GLY B 64 -15.03 9.42 -3.64
C GLY B 64 -14.24 10.67 -3.97
N LEU B 65 -13.52 11.21 -2.98
CA LEU B 65 -12.73 12.42 -3.19
C LEU B 65 -11.79 12.30 -4.37
N ALA B 66 -11.27 11.09 -4.64
CA ALA B 66 -10.31 10.92 -5.72
C ALA B 66 -10.98 10.99 -7.09
N ALA B 67 -12.06 10.23 -7.26
CA ALA B 67 -12.70 10.13 -8.57
C ALA B 67 -13.46 11.41 -8.91
N LYS B 68 -13.96 12.13 -7.91
CA LYS B 68 -14.85 13.26 -8.15
C LYS B 68 -14.18 14.62 -8.00
N HIS B 69 -13.16 14.74 -7.14
CA HIS B 69 -12.51 16.02 -6.91
C HIS B 69 -10.98 15.99 -7.05
N PHE B 70 -10.42 14.89 -7.54
CA PHE B 70 -9.00 14.81 -7.88
C PHE B 70 -8.11 15.00 -6.67
N ILE B 71 -8.48 14.38 -5.55
CA ILE B 71 -7.79 14.55 -4.29
C ILE B 71 -7.02 13.26 -4.01
N ASP B 72 -5.71 13.38 -3.85
CA ASP B 72 -4.86 12.26 -3.49
C ASP B 72 -4.27 12.46 -2.10
N VAL B 73 -3.72 11.38 -1.56
CA VAL B 73 -3.10 11.38 -0.25
C VAL B 73 -1.60 11.13 -0.42
N GLY B 74 -0.81 12.16 -0.12
CA GLY B 74 0.63 11.99 -0.10
C GLY B 74 1.11 11.38 1.20
N ALA B 75 2.37 10.97 1.20
CA ALA B 75 3.01 10.34 2.35
C ALA B 75 2.13 9.18 2.81
N GLY B 76 1.72 9.12 4.07
CA GLY B 76 0.75 8.16 4.51
C GLY B 76 1.30 6.91 5.16
N VAL B 77 2.58 6.89 5.50
CA VAL B 77 3.15 5.84 6.32
C VAL B 77 3.15 6.32 7.76
N ILE B 78 2.41 5.62 8.61
CA ILE B 78 2.41 5.86 10.05
C ILE B 78 3.17 4.72 10.70
N ASP B 79 4.30 5.02 11.32
CA ASP B 79 5.09 3.98 11.93
C ASP B 79 4.36 3.44 13.16
N GLU B 80 4.79 2.25 13.59
CA GLU B 80 4.19 1.64 14.76
C GLU B 80 4.33 2.52 16.00
N ASP B 81 5.40 3.29 16.07
CA ASP B 81 5.77 4.05 17.26
C ASP B 81 5.37 5.52 17.21
N TYR B 82 4.79 5.98 16.10
CA TYR B 82 4.41 7.38 16.02
C TYR B 82 3.27 7.65 16.98
N ARG B 83 3.52 8.55 17.94
CA ARG B 83 2.53 8.83 18.97
C ARG B 83 2.05 10.28 18.91
N GLY B 84 2.47 11.02 17.89
CA GLY B 84 2.01 12.38 17.68
C GLY B 84 0.67 12.45 16.97
N ASN B 85 0.37 13.64 16.48
CA ASN B 85 -0.90 13.95 15.85
C ASN B 85 -0.93 13.35 14.45
N VAL B 86 -1.85 12.42 14.21
CA VAL B 86 -2.00 11.84 12.88
C VAL B 86 -2.46 12.93 11.91
N GLY B 87 -1.62 13.20 10.92
CA GLY B 87 -1.95 14.16 9.88
C GLY B 87 -2.08 13.46 8.54
N VAL B 88 -2.92 14.01 7.67
CA VAL B 88 -3.16 13.48 6.34
C VAL B 88 -2.69 14.53 5.35
N VAL B 89 -1.67 14.19 4.56
CA VAL B 89 -1.13 15.12 3.57
C VAL B 89 -2.01 15.05 2.33
N LEU B 90 -2.83 16.07 2.10
CA LEU B 90 -3.79 16.07 1.01
C LEU B 90 -3.21 16.82 -0.18
N PHE B 91 -3.31 16.22 -1.36
CA PHE B 91 -2.93 16.84 -2.61
C PHE B 91 -4.21 17.20 -3.35
N ASN B 92 -4.39 18.49 -3.68
CA ASN B 92 -5.50 18.89 -4.53
C ASN B 92 -4.93 19.11 -5.93
N PHE B 93 -5.15 18.15 -6.82
CA PHE B 93 -4.72 18.19 -8.20
C PHE B 93 -5.81 18.68 -9.13
N GLY B 94 -6.90 19.22 -8.58
CA GLY B 94 -7.99 19.68 -9.40
C GLY B 94 -7.73 21.06 -9.97
N LYS B 95 -8.63 21.49 -10.85
CA LYS B 95 -8.55 22.82 -11.44
C LYS B 95 -9.18 23.87 -10.54
N GLU B 96 -10.10 23.47 -9.65
CA GLU B 96 -10.71 24.38 -8.69
C GLU B 96 -10.05 24.20 -7.33
N LYS B 97 -10.47 25.01 -6.35
CA LYS B 97 -10.04 24.82 -4.98
C LYS B 97 -10.90 23.75 -4.32
N PHE B 98 -10.37 23.16 -3.24
CA PHE B 98 -11.08 22.11 -2.52
C PHE B 98 -11.21 22.50 -1.05
N GLU B 99 -12.36 22.19 -0.47
CA GLU B 99 -12.75 22.72 0.83
C GLU B 99 -12.83 21.58 1.84
N VAL B 100 -11.98 21.64 2.84
CA VAL B 100 -12.02 20.73 3.98
C VAL B 100 -12.69 21.47 5.12
N LYS B 101 -13.78 20.92 5.64
CA LYS B 101 -14.45 21.46 6.82
C LYS B 101 -14.20 20.50 7.98
N LYS B 102 -14.20 21.04 9.20
CA LYS B 102 -14.09 20.17 10.36
C LYS B 102 -15.13 19.07 10.26
N GLY B 103 -14.73 17.85 10.63
CA GLY B 103 -15.63 16.72 10.57
C GLY B 103 -15.81 16.12 9.21
N ASP B 104 -15.10 16.62 8.19
CA ASP B 104 -15.13 15.98 6.88
C ASP B 104 -14.24 14.73 6.89
N ARG B 105 -14.67 13.71 6.16
CA ARG B 105 -13.85 12.52 5.96
C ARG B 105 -12.84 12.79 4.85
N ILE B 106 -11.56 12.61 5.13
CA ILE B 106 -10.53 12.98 4.18
C ILE B 106 -9.58 11.83 3.87
N ALA B 107 -9.66 10.74 4.63
CA ALA B 107 -8.84 9.57 4.32
C ALA B 107 -9.37 8.37 5.09
N GLN B 108 -8.74 7.21 4.87
CA GLN B 108 -8.98 6.03 5.69
C GLN B 108 -7.66 5.42 6.17
N LEU B 109 -7.73 4.75 7.32
CA LEU B 109 -6.57 4.19 7.99
C LEU B 109 -6.59 2.67 7.88
N ILE B 110 -5.71 2.11 7.06
CA ILE B 110 -5.63 0.67 6.87
C ILE B 110 -4.46 0.11 7.67
N CYS B 111 -4.70 -1.02 8.35
CA CYS B 111 -3.65 -1.73 9.09
C CYS B 111 -2.98 -2.72 8.14
N GLU B 112 -2.04 -2.20 7.37
CA GLU B 112 -1.25 -3.00 6.44
C GLU B 112 -0.35 -3.92 7.24
N ARG B 113 -0.50 -5.24 7.05
CA ARG B 113 0.37 -6.19 7.72
C ARG B 113 1.68 -6.29 6.97
N ILE B 114 2.80 -6.15 7.70
CA ILE B 114 4.13 -6.12 7.12
C ILE B 114 5.05 -7.00 7.95
N PHE B 115 6.16 -7.40 7.34
CA PHE B 115 7.27 -7.98 8.08
C PHE B 115 8.19 -6.87 8.57
N TYR B 116 8.93 -7.18 9.63
CA TYR B 116 10.01 -6.31 10.13
C TYR B 116 11.31 -7.09 10.03
N PRO B 117 11.82 -7.28 8.82
CA PRO B 117 12.91 -8.23 8.61
C PRO B 117 14.27 -7.65 8.94
N GLU B 118 15.18 -8.56 9.23
CA GLU B 118 16.58 -8.24 9.45
C GLU B 118 17.26 -8.16 8.11
N ILE B 119 18.12 -7.20 7.94
CA ILE B 119 18.79 -6.99 6.67
C ILE B 119 20.14 -7.72 6.70
N GLU B 120 20.58 -8.17 5.52
CA GLU B 120 21.79 -8.97 5.38
C GLU B 120 22.40 -8.68 4.02
N GLU B 121 23.59 -8.08 4.00
CA GLU B 121 24.25 -7.76 2.75
C GLU B 121 24.95 -8.99 2.18
N VAL B 122 24.94 -9.13 0.86
CA VAL B 122 25.59 -10.24 0.17
C VAL B 122 26.44 -9.67 -0.95
N GLN B 123 27.38 -10.49 -1.44
CA GLN B 123 28.22 -10.07 -2.55
C GLN B 123 27.35 -9.82 -3.79
N ALA B 124 26.63 -10.84 -4.23
CA ALA B 124 25.57 -10.66 -5.21
C ALA B 124 24.53 -11.74 -4.99
N LEU B 125 23.38 -11.56 -5.62
CA LEU B 125 22.28 -12.53 -5.58
C LEU B 125 22.26 -13.25 -6.92
N ASP B 126 22.02 -14.56 -6.88
CA ASP B 126 21.86 -15.31 -8.12
C ASP B 126 20.65 -14.76 -8.87
N ASP B 127 20.89 -14.31 -10.11
CA ASP B 127 19.85 -13.69 -10.91
C ASP B 127 18.83 -14.71 -11.38
N THR B 128 17.58 -14.26 -11.49
CA THR B 128 16.47 -15.10 -11.94
C THR B 128 16.38 -15.10 -13.46
N MET C 1 -5.86 -20.06 -1.03
CA MET C 1 -6.60 -18.82 -1.23
C MET C 1 -7.00 -18.69 -2.69
N GLN C 2 -8.26 -18.36 -2.95
CA GLN C 2 -8.72 -18.16 -4.32
C GLN C 2 -9.25 -16.73 -4.47
N LEU C 3 -9.15 -16.23 -5.69
CA LEU C 3 -9.70 -14.92 -6.06
C LEU C 3 -10.74 -15.17 -7.15
N ARG C 4 -12.01 -15.24 -6.76
CA ARG C 4 -13.08 -15.43 -7.72
C ARG C 4 -13.41 -14.09 -8.36
N PHE C 5 -13.61 -14.10 -9.68
CA PHE C 5 -14.05 -12.92 -10.41
C PHE C 5 -15.21 -13.30 -11.33
N ALA C 6 -15.78 -12.30 -12.00
CA ALA C 6 -16.90 -12.51 -12.91
C ALA C 6 -16.92 -11.40 -13.95
N ARG C 7 -17.15 -11.78 -15.21
CA ARG C 7 -17.23 -10.79 -16.27
C ARG C 7 -18.58 -10.09 -16.19
N LEU C 8 -18.56 -8.77 -16.26
CA LEU C 8 -19.78 -7.98 -16.24
C LEU C 8 -20.27 -7.62 -17.64
N SER C 9 -19.44 -7.86 -18.66
CA SER C 9 -19.80 -7.55 -20.04
C SER C 9 -18.94 -8.39 -20.95
N GLU C 10 -19.30 -8.40 -22.24
CA GLU C 10 -18.48 -9.06 -23.24
C GLU C 10 -17.10 -8.42 -23.36
N HIS C 11 -16.93 -7.19 -22.84
CA HIS C 11 -15.77 -6.36 -23.14
C HIS C 11 -14.63 -6.54 -22.16
N ALA C 12 -14.81 -7.37 -21.14
CA ALA C 12 -13.82 -7.51 -20.08
C ALA C 12 -12.83 -8.61 -20.42
N THR C 13 -11.58 -8.39 -20.00
CA THR C 13 -10.53 -9.39 -20.03
C THR C 13 -10.39 -10.03 -18.65
N ALA C 14 -10.15 -11.33 -18.61
CA ALA C 14 -9.91 -12.00 -17.34
C ALA C 14 -8.59 -11.50 -16.74
N PRO C 15 -8.54 -11.25 -15.44
CA PRO C 15 -7.27 -10.85 -14.82
C PRO C 15 -6.20 -11.91 -15.00
N THR C 16 -5.01 -11.47 -15.39
CA THR C 16 -3.89 -12.36 -15.69
C THR C 16 -2.72 -12.03 -14.78
N ARG C 17 -1.85 -13.02 -14.60
CA ARG C 17 -0.65 -12.82 -13.82
C ARG C 17 0.48 -13.58 -14.49
N GLY C 18 1.58 -12.89 -14.78
CA GLY C 18 2.71 -13.48 -15.47
C GLY C 18 3.41 -14.56 -14.67
N SER C 19 4.07 -14.17 -13.58
CA SER C 19 4.77 -15.11 -12.74
C SER C 19 3.84 -15.69 -11.67
N ALA C 20 4.25 -16.83 -11.12
CA ALA C 20 3.51 -17.40 -9.99
C ALA C 20 3.69 -16.59 -8.72
N ARG C 21 4.75 -15.78 -8.65
CA ARG C 21 5.07 -15.00 -7.46
C ARG C 21 5.07 -13.50 -7.79
N ALA C 22 4.23 -13.08 -8.72
CA ALA C 22 4.10 -11.68 -9.08
C ALA C 22 3.11 -11.01 -8.15
N ALA C 23 3.35 -9.73 -7.85
CA ALA C 23 2.67 -9.07 -6.75
C ALA C 23 1.17 -8.95 -6.99
N GLY C 24 0.76 -8.70 -8.23
CA GLY C 24 -0.64 -8.46 -8.51
C GLY C 24 -1.08 -9.07 -9.83
N TYR C 25 -2.39 -9.18 -9.97
CA TYR C 25 -3.00 -9.57 -11.24
C TYR C 25 -3.19 -8.32 -12.11
N ASP C 26 -2.91 -8.45 -13.40
CA ASP C 26 -3.09 -7.33 -14.31
C ASP C 26 -4.57 -7.02 -14.45
N LEU C 27 -4.90 -5.73 -14.50
CA LEU C 27 -6.25 -5.27 -14.78
C LEU C 27 -6.28 -4.60 -16.15
N TYR C 28 -7.26 -4.96 -16.97
CA TYR C 28 -7.37 -4.48 -18.34
C TYR C 28 -8.58 -3.56 -18.50
N SER C 29 -8.40 -2.47 -19.25
CA SER C 29 -9.53 -1.60 -19.56
C SER C 29 -10.53 -2.35 -20.47
N ALA C 30 -11.79 -1.95 -20.37
CA ALA C 30 -12.84 -2.54 -21.19
C ALA C 30 -13.32 -1.59 -22.29
N TYR C 31 -12.73 -0.40 -22.37
CA TYR C 31 -13.20 0.62 -23.30
C TYR C 31 -12.01 1.47 -23.71
N ASP C 32 -12.23 2.31 -24.72
CA ASP C 32 -11.26 3.31 -25.11
C ASP C 32 -11.51 4.59 -24.33
N TYR C 33 -10.43 5.20 -23.83
CA TYR C 33 -10.49 6.48 -23.13
C TYR C 33 -9.35 7.35 -23.63
N THR C 34 -9.59 8.66 -23.74
CA THR C 34 -8.53 9.64 -23.93
C THR C 34 -8.52 10.54 -22.72
N ILE C 35 -7.45 10.46 -21.92
CA ILE C 35 -7.28 11.29 -20.73
C ILE C 35 -6.44 12.51 -21.13
N PRO C 36 -6.97 13.72 -21.08
CA PRO C 36 -6.16 14.89 -21.41
C PRO C 36 -5.04 15.06 -20.40
N PRO C 37 -3.99 15.80 -20.73
CA PRO C 37 -2.95 16.08 -19.75
C PRO C 37 -3.54 16.72 -18.49
N MET C 38 -2.93 16.38 -17.35
CA MET C 38 -3.32 16.92 -16.05
C MET C 38 -4.79 16.63 -15.74
N GLU C 39 -5.30 15.50 -16.20
CA GLU C 39 -6.70 15.13 -15.98
C GLU C 39 -6.75 13.65 -15.57
N LYS C 40 -7.97 13.18 -15.32
CA LYS C 40 -8.21 11.91 -14.65
C LYS C 40 -9.40 11.20 -15.27
N ALA C 41 -9.41 9.87 -15.20
CA ALA C 41 -10.52 9.08 -15.69
C ALA C 41 -10.70 7.85 -14.81
N VAL C 42 -11.96 7.46 -14.59
CA VAL C 42 -12.29 6.22 -13.91
C VAL C 42 -12.47 5.18 -15.00
N VAL C 43 -11.43 4.37 -15.21
CA VAL C 43 -11.41 3.38 -16.29
C VAL C 43 -12.12 2.12 -15.82
N LYS C 44 -13.23 1.78 -16.48
CA LYS C 44 -13.99 0.60 -16.09
C LYS C 44 -13.33 -0.66 -16.63
N THR C 45 -13.34 -1.73 -15.82
CA THR C 45 -12.82 -3.03 -16.24
C THR C 45 -13.91 -4.03 -16.58
N ASP C 46 -15.16 -3.78 -16.18
CA ASP C 46 -16.28 -4.67 -16.45
C ASP C 46 -16.06 -6.06 -15.85
N ILE C 47 -15.38 -6.11 -14.72
CA ILE C 47 -15.29 -7.33 -13.93
C ILE C 47 -15.68 -6.99 -12.50
N GLN C 48 -16.24 -7.97 -11.80
CA GLN C 48 -16.49 -7.90 -10.37
C GLN C 48 -15.69 -8.99 -9.70
N ILE C 49 -15.17 -8.71 -8.50
CA ILE C 49 -14.28 -9.64 -7.82
C ILE C 49 -14.82 -9.94 -6.44
N ALA C 50 -14.33 -11.03 -5.85
CA ALA C 50 -14.52 -11.36 -4.44
C ALA C 50 -13.16 -11.78 -3.90
N LEU C 51 -12.58 -10.94 -3.03
CA LEU C 51 -11.21 -11.16 -2.58
C LEU C 51 -11.16 -12.22 -1.48
N PRO C 52 -10.06 -12.96 -1.39
CA PRO C 52 -9.90 -13.89 -0.25
C PRO C 52 -9.97 -13.13 1.05
N SER C 53 -10.36 -13.83 2.12
CA SER C 53 -10.56 -13.14 3.38
C SER C 53 -9.23 -12.79 4.02
N GLY C 54 -9.25 -11.71 4.79
CA GLY C 54 -8.05 -11.25 5.46
C GLY C 54 -7.20 -10.33 4.62
N CYS C 55 -7.77 -9.73 3.58
CA CYS C 55 -7.04 -8.84 2.70
C CYS C 55 -8.05 -7.93 2.02
N TYR C 56 -7.56 -6.84 1.46
CA TYR C 56 -8.31 -5.97 0.59
C TYR C 56 -7.57 -5.93 -0.75
N GLY C 57 -8.23 -5.43 -1.78
CA GLY C 57 -7.64 -5.31 -3.09
C GLY C 57 -7.13 -3.91 -3.34
N ARG C 58 -5.82 -3.78 -3.51
CA ARG C 58 -5.17 -2.51 -3.82
C ARG C 58 -4.96 -2.43 -5.32
N VAL C 59 -5.53 -1.41 -5.95
CA VAL C 59 -5.32 -1.15 -7.37
C VAL C 59 -4.03 -0.34 -7.47
N ALA C 60 -2.95 -1.01 -7.84
CA ALA C 60 -1.61 -0.42 -7.78
C ALA C 60 -1.12 -0.04 -9.17
N PRO C 61 -0.15 0.89 -9.23
CA PRO C 61 0.31 1.38 -10.54
C PRO C 61 1.24 0.40 -11.24
N ARG C 62 1.24 0.46 -12.57
CA ARG C 62 2.19 -0.29 -13.37
C ARG C 62 3.46 0.54 -13.53
N SER C 63 4.61 -0.08 -13.29
CA SER C 63 5.86 0.68 -13.26
C SER C 63 6.15 1.32 -14.60
N GLY C 64 5.87 0.62 -15.70
CA GLY C 64 6.04 1.18 -17.02
C GLY C 64 5.32 2.49 -17.25
N LEU C 65 3.98 2.45 -17.18
CA LEU C 65 3.16 3.64 -17.40
C LEU C 65 3.59 4.79 -16.51
N ALA C 66 4.07 4.48 -15.30
CA ALA C 66 4.45 5.52 -14.34
C ALA C 66 5.77 6.18 -14.73
N ALA C 67 6.79 5.37 -15.02
CA ALA C 67 8.11 5.93 -15.30
C ALA C 67 8.16 6.63 -16.65
N LYS C 68 7.41 6.15 -17.63
CA LYS C 68 7.54 6.63 -19.00
C LYS C 68 6.47 7.63 -19.40
N HIS C 69 5.26 7.51 -18.85
CA HIS C 69 4.15 8.39 -19.22
C HIS C 69 3.51 9.09 -18.03
N PHE C 70 4.09 8.99 -16.84
CA PHE C 70 3.66 9.80 -15.70
C PHE C 70 2.21 9.50 -15.33
N ILE C 71 1.89 8.21 -15.25
CA ILE C 71 0.54 7.74 -14.99
C ILE C 71 0.52 7.14 -13.58
N ASP C 72 -0.33 7.68 -12.72
CA ASP C 72 -0.53 7.12 -11.38
C ASP C 72 -1.96 6.60 -11.22
N VAL C 73 -2.20 5.92 -10.11
CA VAL C 73 -3.50 5.34 -9.76
C VAL C 73 -4.02 6.04 -8.52
N GLY C 74 -5.09 6.81 -8.68
CA GLY C 74 -5.76 7.39 -7.55
C GLY C 74 -6.73 6.44 -6.88
N ALA C 75 -7.17 6.81 -5.69
CA ALA C 75 -8.07 5.97 -4.89
C ALA C 75 -7.43 4.59 -4.78
N GLY C 76 -8.12 3.51 -5.14
CA GLY C 76 -7.51 2.21 -5.25
C GLY C 76 -7.68 1.27 -4.08
N VAL C 77 -8.56 1.59 -3.12
CA VAL C 77 -8.92 0.63 -2.09
C VAL C 77 -10.18 -0.08 -2.54
N ILE C 78 -10.10 -1.40 -2.70
CA ILE C 78 -11.26 -2.24 -3.02
C ILE C 78 -11.62 -3.02 -1.76
N ASP C 79 -12.79 -2.75 -1.21
CA ASP C 79 -13.19 -3.42 0.02
C ASP C 79 -13.47 -4.90 -0.22
N GLU C 80 -13.49 -5.67 0.87
CA GLU C 80 -13.76 -7.10 0.77
C GLU C 80 -15.15 -7.36 0.20
N ASP C 81 -16.10 -6.48 0.47
CA ASP C 81 -17.50 -6.68 0.10
C ASP C 81 -17.89 -5.95 -1.17
N TYR C 82 -16.97 -5.21 -1.78
CA TYR C 82 -17.32 -4.50 -2.99
C TYR C 82 -17.61 -5.51 -4.09
N ARG C 83 -18.83 -5.50 -4.61
CA ARG C 83 -19.26 -6.45 -5.62
C ARG C 83 -19.60 -5.77 -6.94
N GLY C 84 -19.37 -4.47 -7.04
CA GLY C 84 -19.62 -3.75 -8.26
C GLY C 84 -18.46 -3.83 -9.23
N ASN C 85 -18.52 -2.98 -10.24
CA ASN C 85 -17.57 -2.98 -11.32
C ASN C 85 -16.25 -2.36 -10.85
N VAL C 86 -15.18 -3.16 -10.87
CA VAL C 86 -13.87 -2.67 -10.49
C VAL C 86 -13.44 -1.59 -11.47
N GLY C 87 -13.29 -0.37 -10.98
CA GLY C 87 -12.80 0.74 -11.78
C GLY C 87 -11.45 1.19 -11.27
N VAL C 88 -10.65 1.72 -12.17
CA VAL C 88 -9.29 2.17 -11.87
C VAL C 88 -9.25 3.68 -12.16
N VAL C 89 -9.01 4.47 -11.12
CA VAL C 89 -8.92 5.91 -11.27
C VAL C 89 -7.50 6.25 -11.71
N LEU C 90 -7.35 6.68 -12.95
CA LEU C 90 -6.04 7.00 -13.52
C LEU C 90 -5.80 8.51 -13.48
N PHE C 91 -4.59 8.88 -13.08
CA PHE C 91 -4.13 10.26 -13.11
C PHE C 91 -3.13 10.38 -14.25
N ASN C 92 -3.39 11.28 -15.21
CA ASN C 92 -2.40 11.59 -16.24
C ASN C 92 -1.76 12.94 -15.88
N PHE C 93 -0.55 12.87 -15.33
CA PHE C 93 0.20 14.04 -14.91
C PHE C 93 1.21 14.49 -15.97
N GLY C 94 1.17 13.89 -17.15
CA GLY C 94 2.11 14.21 -18.19
C GLY C 94 1.76 15.47 -18.96
N LYS C 95 2.66 15.83 -19.88
CA LYS C 95 2.45 16.99 -20.73
C LYS C 95 1.62 16.66 -21.97
N GLU C 96 1.59 15.39 -22.39
CA GLU C 96 0.82 14.96 -23.54
C GLU C 96 -0.51 14.36 -23.08
N LYS C 97 -1.33 13.95 -24.05
CA LYS C 97 -2.51 13.16 -23.72
C LYS C 97 -2.10 11.69 -23.58
N PHE C 98 -2.94 10.92 -22.90
CA PHE C 98 -2.66 9.50 -22.73
C PHE C 98 -3.86 8.69 -23.21
N GLU C 99 -3.57 7.61 -23.93
CA GLU C 99 -4.57 6.90 -24.72
C GLU C 99 -4.76 5.52 -24.14
N VAL C 100 -5.97 5.27 -23.63
CA VAL C 100 -6.36 3.96 -23.13
C VAL C 100 -7.20 3.29 -24.20
N LYS C 101 -6.79 2.10 -24.65
CA LYS C 101 -7.56 1.29 -25.56
C LYS C 101 -8.09 0.07 -24.82
N LYS C 102 -9.24 -0.43 -25.26
CA LYS C 102 -9.76 -1.66 -24.70
C LYS C 102 -8.67 -2.73 -24.70
N GLY C 103 -8.60 -3.51 -23.63
CA GLY C 103 -7.60 -4.55 -23.51
C GLY C 103 -6.22 -4.08 -23.10
N ASP C 104 -6.03 -2.79 -22.81
CA ASP C 104 -4.76 -2.29 -22.32
C ASP C 104 -4.59 -2.65 -20.85
N ARG C 105 -3.34 -2.86 -20.44
CA ARG C 105 -3.00 -3.03 -19.03
C ARG C 105 -2.88 -1.65 -18.40
N ILE C 106 -3.66 -1.39 -17.35
CA ILE C 106 -3.67 -0.05 -16.76
C ILE C 106 -3.42 -0.08 -15.25
N ALA C 107 -3.40 -1.27 -14.67
CA ALA C 107 -3.08 -1.39 -13.25
C ALA C 107 -2.80 -2.85 -12.92
N GLN C 108 -2.48 -3.09 -11.65
CA GLN C 108 -2.42 -4.44 -11.11
C GLN C 108 -3.24 -4.48 -9.82
N LEU C 109 -3.75 -5.67 -9.50
CA LEU C 109 -4.62 -5.86 -8.35
C LEU C 109 -3.88 -6.69 -7.33
N ILE C 110 -3.45 -6.04 -6.24
CA ILE C 110 -2.71 -6.70 -5.18
C ILE C 110 -3.64 -7.01 -4.03
N CYS C 111 -3.49 -8.21 -3.47
CA CYS C 111 -4.27 -8.64 -2.31
C CYS C 111 -3.45 -8.36 -1.06
N GLU C 112 -3.54 -7.10 -0.61
CA GLU C 112 -2.83 -6.64 0.58
C GLU C 112 -3.43 -7.30 1.82
N ARG C 113 -2.62 -7.99 2.61
CA ARG C 113 -3.14 -8.59 3.84
C ARG C 113 -3.17 -7.56 4.96
N ILE C 114 -4.33 -7.43 5.60
CA ILE C 114 -4.57 -6.40 6.60
C ILE C 114 -5.24 -7.04 7.81
N PHE C 115 -5.16 -6.33 8.93
CA PHE C 115 -6.00 -6.60 10.09
C PHE C 115 -7.30 -5.81 10.01
N TYR C 116 -8.32 -6.30 10.73
CA TYR C 116 -9.59 -5.59 10.90
C TYR C 116 -9.77 -5.33 12.40
N PRO C 117 -9.03 -4.39 12.97
CA PRO C 117 -9.00 -4.27 14.44
C PRO C 117 -10.18 -3.47 14.97
N GLU C 118 -10.47 -3.73 16.25
CA GLU C 118 -11.53 -3.02 16.97
C GLU C 118 -10.96 -1.74 17.56
N ILE C 119 -11.73 -0.67 17.49
CA ILE C 119 -11.27 0.64 17.92
C ILE C 119 -11.60 0.82 19.39
N GLU C 120 -10.75 1.56 20.09
CA GLU C 120 -10.82 1.65 21.55
C GLU C 120 -10.25 3.01 21.97
N GLU C 121 -11.11 3.86 22.52
CA GLU C 121 -10.68 5.19 22.94
C GLU C 121 -9.99 5.11 24.29
N VAL C 122 -8.94 5.92 24.45
CA VAL C 122 -8.25 6.05 25.72
C VAL C 122 -8.06 7.54 25.99
N GLN C 123 -7.78 7.85 27.26
CA GLN C 123 -7.50 9.23 27.63
C GLN C 123 -6.23 9.72 26.95
N ALA C 124 -5.13 8.99 27.13
CA ALA C 124 -3.94 9.16 26.31
C ALA C 124 -3.20 7.83 26.22
N LEU C 125 -2.24 7.78 25.30
CA LEU C 125 -1.40 6.60 25.10
C LEU C 125 -0.02 6.83 25.71
N ASP C 126 0.51 5.82 26.39
CA ASP C 126 1.88 5.90 26.89
C ASP C 126 2.84 5.94 25.70
N ASP C 127 3.63 7.01 25.62
CA ASP C 127 4.59 7.16 24.52
C ASP C 127 5.77 6.20 24.71
C MET D 1 -12.61 9.41 30.76
N ALA D 2 -13.80 9.47 30.16
CA ALA D 2 -14.93 10.20 30.71
C ALA D 2 -16.20 9.56 30.19
N GLU D 3 -17.26 9.58 31.00
CA GLU D 3 -18.44 8.84 30.60
C GLU D 3 -19.21 9.58 29.50
N LEU D 4 -20.14 8.87 28.88
CA LEU D 4 -20.86 9.35 27.71
C LEU D 4 -22.19 9.97 28.11
N PRO D 5 -22.71 10.90 27.30
CA PRO D 5 -23.99 11.53 27.64
C PRO D 5 -25.10 10.54 27.95
N THR D 6 -26.14 11.05 28.62
CA THR D 6 -27.25 10.21 29.07
C THR D 6 -28.11 9.70 27.91
N HIS D 7 -28.23 10.50 26.84
CA HIS D 7 -29.15 10.14 25.77
C HIS D 7 -28.79 8.82 25.09
N TYR D 8 -27.54 8.35 25.23
CA TYR D 8 -27.20 7.03 24.71
C TYR D 8 -28.05 5.94 25.36
N GLY D 9 -28.49 6.17 26.60
CA GLY D 9 -29.46 5.26 27.19
C GLY D 9 -30.75 5.22 26.41
N THR D 10 -31.36 6.39 26.17
CA THR D 10 -32.55 6.47 25.35
C THR D 10 -32.32 5.81 24.00
N ILE D 11 -31.17 6.09 23.37
CA ILE D 11 -30.85 5.50 22.07
C ILE D 11 -30.81 3.98 22.18
N ILE D 12 -30.08 3.45 23.17
CA ILE D 12 -30.01 2.01 23.35
C ILE D 12 -31.40 1.43 23.61
N LYS D 13 -32.22 2.12 24.40
CA LYS D 13 -33.54 1.62 24.73
C LYS D 13 -34.43 1.53 23.48
N THR D 14 -34.59 2.66 22.78
CA THR D 14 -35.42 2.67 21.57
C THR D 14 -34.97 1.60 20.59
N LEU D 15 -33.66 1.49 20.36
CA LEU D 15 -33.16 0.52 19.38
C LEU D 15 -33.33 -0.91 19.88
N ARG D 16 -33.31 -1.12 21.19
CA ARG D 16 -33.67 -2.43 21.73
C ARG D 16 -35.10 -2.79 21.33
N LYS D 17 -36.06 -1.90 21.61
CA LYS D 17 -37.45 -2.16 21.24
C LYS D 17 -37.62 -2.27 19.73
N TYR D 18 -36.73 -1.65 18.95
CA TYR D 18 -36.85 -1.74 17.50
C TYR D 18 -36.37 -3.09 16.98
N MET D 19 -35.34 -3.66 17.61
CA MET D 19 -34.86 -5.00 17.27
C MET D 19 -35.55 -6.10 18.09
N LYS D 20 -36.68 -5.80 18.72
CA LYS D 20 -37.39 -6.77 19.54
C LYS D 20 -36.43 -7.56 20.44
N LEU D 21 -35.65 -6.82 21.24
CA LEU D 21 -34.67 -7.40 22.15
C LEU D 21 -34.94 -6.95 23.58
N THR D 22 -34.99 -7.92 24.51
CA THR D 22 -35.17 -7.64 25.93
C THR D 22 -33.85 -7.32 26.62
N GLN D 23 -33.94 -6.64 27.77
CA GLN D 23 -32.75 -6.30 28.55
C GLN D 23 -31.91 -7.54 28.85
N SER D 24 -32.57 -8.65 29.22
CA SER D 24 -31.84 -9.89 29.48
C SER D 24 -31.26 -10.47 28.20
N LYS D 25 -31.97 -10.32 27.08
CA LYS D 25 -31.42 -10.76 25.79
C LYS D 25 -30.18 -9.96 25.41
N LEU D 26 -30.21 -8.64 25.65
CA LEU D 26 -29.02 -7.83 25.36
C LEU D 26 -27.87 -8.20 26.29
N SER D 27 -28.16 -8.52 27.56
CA SER D 27 -27.09 -8.95 28.47
C SER D 27 -26.46 -10.25 28.01
N GLU D 28 -27.26 -11.13 27.39
CA GLU D 28 -26.71 -12.38 26.88
C GLU D 28 -26.03 -12.20 25.52
N ARG D 29 -26.45 -11.21 24.73
CA ARG D 29 -25.80 -10.95 23.46
C ARG D 29 -24.50 -10.16 23.61
N THR D 30 -24.58 -8.96 24.20
CA THR D 30 -23.44 -8.08 24.35
C THR D 30 -23.67 -7.15 25.54
N GLY D 31 -23.54 -7.68 26.74
CA GLY D 31 -23.78 -6.91 27.95
C GLY D 31 -23.20 -7.61 29.15
N PHE D 32 -23.12 -6.87 30.25
CA PHE D 32 -22.65 -7.43 31.52
C PHE D 32 -23.81 -7.97 32.35
N SER D 33 -24.78 -7.10 32.67
CA SER D 33 -25.97 -7.52 33.40
C SER D 33 -27.19 -6.78 32.87
N GLN D 34 -28.34 -7.46 32.89
CA GLN D 34 -29.57 -6.81 32.47
C GLN D 34 -29.94 -5.64 33.37
N ASN D 35 -29.54 -5.68 34.65
CA ASN D 35 -29.78 -4.56 35.54
C ASN D 35 -28.91 -3.36 35.17
N THR D 36 -27.63 -3.59 34.85
CA THR D 36 -26.79 -2.51 34.37
C THR D 36 -27.39 -1.86 33.13
N ILE D 37 -27.84 -2.67 32.17
CA ILE D 37 -28.41 -2.13 30.94
C ILE D 37 -29.65 -1.30 31.25
N SER D 38 -30.44 -1.75 32.22
CA SER D 38 -31.65 -1.02 32.60
C SER D 38 -31.32 0.33 33.24
N ASN D 39 -30.32 0.36 34.13
CA ASN D 39 -29.89 1.62 34.73
C ASN D 39 -29.25 2.57 33.71
N HIS D 40 -28.61 2.04 32.66
CA HIS D 40 -28.11 2.90 31.59
C HIS D 40 -29.26 3.51 30.81
N GLU D 41 -30.24 2.69 30.42
CA GLU D 41 -31.39 3.18 29.67
C GLU D 41 -32.21 4.16 30.50
N ASN D 42 -32.39 3.87 31.80
CA ASN D 42 -33.16 4.77 32.66
C ASN D 42 -32.42 6.06 32.99
N GLY D 43 -31.16 6.20 32.60
CA GLY D 43 -30.44 7.44 32.79
C GLY D 43 -29.76 7.61 34.12
N ASN D 44 -29.80 6.59 34.98
CA ASN D 44 -29.18 6.66 36.29
C ASN D 44 -27.69 6.35 36.18
N ARG D 45 -27.30 5.51 35.21
CA ARG D 45 -25.90 5.21 34.96
C ARG D 45 -25.54 5.56 33.52
N ASN D 46 -24.32 6.06 33.34
CA ASN D 46 -23.84 6.51 32.05
C ASN D 46 -23.03 5.38 31.40
N ILE D 47 -23.20 5.20 30.10
CA ILE D 47 -22.49 4.14 29.39
C ILE D 47 -21.06 4.60 29.14
N GLY D 48 -20.09 3.73 29.42
CA GLY D 48 -18.71 4.10 29.21
C GLY D 48 -18.40 4.41 27.75
N VAL D 49 -17.25 5.06 27.54
CA VAL D 49 -16.91 5.53 26.20
C VAL D 49 -16.87 4.37 25.21
N ASN D 50 -16.31 3.25 25.61
CA ASN D 50 -16.06 2.14 24.71
C ASN D 50 -17.16 1.11 24.73
N GLU D 51 -18.16 1.26 25.60
CA GLU D 51 -19.24 0.29 25.69
C GLU D 51 -20.19 0.36 24.50
N ILE D 52 -20.18 1.47 23.76
CA ILE D 52 -21.11 1.61 22.64
C ILE D 52 -20.80 0.60 21.54
N GLU D 53 -19.51 0.34 21.28
CA GLU D 53 -19.14 -0.64 20.26
C GLU D 53 -19.74 -2.00 20.57
N ILE D 54 -19.67 -2.41 21.85
CA ILE D 54 -20.26 -3.67 22.27
C ILE D 54 -21.76 -3.67 22.02
N TYR D 55 -22.45 -2.62 22.46
CA TYR D 55 -23.90 -2.53 22.24
C TYR D 55 -24.25 -2.68 20.77
N GLY D 56 -23.47 -2.03 19.88
CA GLY D 56 -23.77 -2.09 18.46
C GLY D 56 -23.84 -3.50 17.92
N LYS D 57 -22.86 -4.34 18.29
CA LYS D 57 -22.90 -5.75 17.90
C LYS D 57 -24.12 -6.43 18.53
N GLY D 58 -24.34 -6.21 19.82
CA GLY D 58 -25.51 -6.78 20.47
C GLY D 58 -26.80 -6.46 19.75
N LEU D 59 -27.03 -5.18 19.45
CA LEU D 59 -28.25 -4.79 18.76
C LEU D 59 -28.24 -5.17 17.29
N GLY D 60 -27.06 -5.39 16.70
CA GLY D 60 -26.98 -5.61 15.27
C GLY D 60 -27.18 -4.35 14.45
N ILE D 61 -26.78 -3.20 14.98
CA ILE D 61 -26.75 -1.94 14.24
C ILE D 61 -25.32 -1.42 14.29
N PRO D 62 -24.69 -1.10 13.15
CA PRO D 62 -23.31 -0.59 13.20
C PRO D 62 -23.13 0.54 14.21
N SER D 63 -22.19 0.36 15.15
CA SER D 63 -21.96 1.36 16.19
C SER D 63 -21.75 2.75 15.60
N TYR D 64 -21.15 2.82 14.42
CA TYR D 64 -20.99 4.05 13.65
C TYR D 64 -22.29 4.84 13.61
N ILE D 65 -23.42 4.15 13.56
CA ILE D 65 -24.71 4.83 13.40
C ILE D 65 -25.20 5.40 14.72
N LEU D 66 -24.98 4.68 15.82
CA LEU D 66 -25.42 5.14 17.13
C LEU D 66 -24.84 6.52 17.46
N HIS D 67 -23.58 6.76 17.11
CA HIS D 67 -22.97 8.06 17.37
C HIS D 67 -23.58 9.15 16.49
N ARG D 68 -23.87 8.83 15.23
CA ARG D 68 -24.52 9.79 14.35
C ARG D 68 -25.90 10.18 14.87
N ILE D 69 -26.57 9.26 15.57
CA ILE D 69 -27.82 9.60 16.24
C ILE D 69 -27.55 10.56 17.40
N SER D 70 -26.54 10.24 18.22
CA SER D 70 -26.15 11.15 19.29
C SER D 70 -25.83 12.54 18.75
N ASP D 71 -25.11 12.61 17.63
CA ASP D 71 -24.82 13.91 17.02
C ASP D 71 -26.09 14.70 16.79
N GLU D 72 -27.20 14.02 16.53
CA GLU D 72 -28.48 14.69 16.33
C GLU D 72 -29.10 15.13 17.64
N PHE D 73 -28.82 14.43 18.74
CA PHE D 73 -29.22 14.91 20.06
C PHE D 73 -28.39 16.14 20.44
N LYS D 74 -27.09 16.08 20.20
CA LYS D 74 -26.21 17.18 20.58
C LYS D 74 -26.58 18.48 19.86
N GLU D 75 -27.18 18.38 18.68
CA GLU D 75 -27.55 19.57 17.92
C GLU D 75 -29.03 19.90 18.13
N LYS D 76 -29.92 19.02 17.63
CA LYS D 76 -31.34 19.33 17.60
C LYS D 76 -32.01 19.25 18.96
N GLY D 77 -31.42 18.55 19.94
CA GLY D 77 -32.03 18.38 21.24
C GLY D 77 -32.78 17.06 21.34
N TYR D 78 -33.41 16.67 20.25
CA TYR D 78 -33.99 15.34 20.07
C TYR D 78 -33.30 14.72 18.87
N SER D 79 -33.75 13.53 18.47
CA SER D 79 -33.18 12.85 17.31
C SER D 79 -34.33 12.44 16.39
N PRO D 80 -34.53 13.16 15.28
CA PRO D 80 -35.62 12.77 14.36
C PRO D 80 -35.35 11.44 13.70
N THR D 81 -34.09 11.11 13.45
CA THR D 81 -33.76 9.80 12.89
C THR D 81 -34.21 8.69 13.84
N LEU D 82 -33.82 8.80 15.12
CA LEU D 82 -34.26 7.82 16.09
C LEU D 82 -35.78 7.81 16.22
N ASN D 83 -36.42 8.95 15.98
CA ASN D 83 -37.88 9.03 16.01
C ASN D 83 -38.47 8.07 14.99
N ASP D 84 -38.26 8.32 13.70
CA ASP D 84 -38.75 7.43 12.65
C ASP D 84 -37.62 6.55 12.12
N PHE D 85 -37.10 5.68 13.00
CA PHE D 85 -35.94 4.86 12.66
C PHE D 85 -36.26 3.76 11.65
N GLY D 86 -37.53 3.33 11.56
CA GLY D 86 -37.88 2.31 10.60
C GLY D 86 -37.61 2.73 9.17
N LYS D 87 -38.10 3.92 8.80
CA LYS D 87 -37.83 4.48 7.47
C LYS D 87 -36.34 4.62 7.22
N PHE D 88 -35.55 4.89 8.27
CA PHE D 88 -34.09 4.97 8.12
C PHE D 88 -33.50 3.60 7.85
N ASP D 89 -33.75 2.64 8.74
CA ASP D 89 -33.21 1.29 8.55
C ASP D 89 -33.54 0.76 7.15
N LYS D 90 -34.76 1.01 6.66
CA LYS D 90 -35.12 0.56 5.32
C LYS D 90 -34.23 1.22 4.27
N MET D 91 -34.12 2.55 4.33
CA MET D 91 -33.32 3.27 3.32
C MET D 91 -31.84 2.96 3.47
N TYR D 92 -31.33 2.94 4.70
CA TYR D 92 -29.92 2.65 4.90
C TYR D 92 -29.54 1.32 4.25
N SER D 93 -30.40 0.31 4.36
CA SER D 93 -30.09 -0.99 3.78
C SER D 93 -30.04 -0.94 2.26
N TYR D 94 -30.83 -0.06 1.63
CA TYR D 94 -30.69 0.16 0.19
C TYR D 94 -29.40 0.91 -0.12
N VAL D 95 -29.15 2.01 0.59
CA VAL D 95 -27.92 2.78 0.40
C VAL D 95 -26.71 1.87 0.54
N ASN D 96 -26.71 1.01 1.56
CA ASN D 96 -25.58 0.09 1.74
C ASN D 96 -25.42 -0.82 0.54
N LYS D 97 -26.42 -1.67 0.29
CA LYS D 97 -26.45 -2.52 -0.89
C LYS D 97 -25.95 -1.76 -2.13
N ALA D 98 -26.45 -0.54 -2.32
CA ALA D 98 -26.05 0.24 -3.49
C ALA D 98 -24.56 0.57 -3.44
N TYR D 99 -24.05 0.96 -2.26
CA TYR D 99 -22.65 1.35 -2.17
C TYR D 99 -21.74 0.17 -2.48
N TYR D 100 -22.06 -1.00 -1.97
CA TYR D 100 -21.18 -2.16 -2.06
C TYR D 100 -21.37 -2.95 -3.35
N ASN D 101 -22.31 -2.56 -4.22
CA ASN D 101 -22.62 -3.29 -5.43
C ASN D 101 -22.61 -2.46 -6.71
N ASP D 102 -22.50 -1.13 -6.63
CA ASP D 102 -22.54 -0.27 -7.80
C ASP D 102 -21.33 0.67 -7.80
N GLY D 103 -20.61 0.69 -8.91
CA GLY D 103 -19.41 1.50 -8.98
C GLY D 103 -19.69 3.00 -8.95
N ASP D 104 -20.73 3.44 -9.66
CA ASP D 104 -21.06 4.87 -9.63
C ASP D 104 -21.28 5.37 -8.20
N ILE D 105 -21.93 4.55 -7.37
CA ILE D 105 -22.10 4.90 -5.96
C ILE D 105 -20.79 4.73 -5.20
N TYR D 106 -20.10 3.60 -5.43
CA TYR D 106 -18.92 3.28 -4.64
C TYR D 106 -17.83 4.32 -4.83
N TYR D 107 -17.61 4.76 -6.06
CA TYR D 107 -16.58 5.74 -6.36
C TYR D 107 -17.09 7.18 -6.32
N SER D 108 -18.24 7.43 -5.69
CA SER D 108 -18.83 8.76 -5.64
C SER D 108 -19.35 9.16 -4.26
N SER D 109 -19.71 8.20 -3.41
CA SER D 109 -20.27 8.49 -2.11
C SER D 109 -19.26 9.15 -1.20
N TYR D 110 -19.76 10.03 -0.33
CA TYR D 110 -18.99 10.68 0.72
C TYR D 110 -19.26 10.06 2.09
N ASP D 111 -20.52 9.95 2.49
CA ASP D 111 -20.87 9.40 3.79
C ASP D 111 -22.24 8.75 3.70
N LEU D 112 -22.29 7.43 3.91
CA LEU D 112 -23.54 6.70 3.74
C LEU D 112 -24.64 7.24 4.64
N TYR D 113 -24.29 7.69 5.85
CA TYR D 113 -25.31 8.12 6.79
C TYR D 113 -26.06 9.34 6.27
N ASP D 114 -25.32 10.40 5.94
CA ASP D 114 -25.94 11.61 5.43
C ASP D 114 -26.73 11.33 4.15
N GLU D 115 -26.17 10.50 3.26
CA GLU D 115 -26.83 10.17 2.00
C GLU D 115 -28.17 9.49 2.23
N THR D 116 -28.27 8.64 3.26
CA THR D 116 -29.56 8.09 3.65
C THR D 116 -30.53 9.19 4.07
N ILE D 117 -30.04 10.16 4.84
CA ILE D 117 -30.91 11.25 5.29
C ILE D 117 -31.33 12.12 4.11
N LYS D 118 -30.38 12.48 3.25
CA LYS D 118 -30.70 13.22 2.04
C LYS D 118 -31.77 12.51 1.23
N LEU D 119 -31.70 11.17 1.17
CA LEU D 119 -32.67 10.42 0.39
C LEU D 119 -34.04 10.41 1.06
N LEU D 120 -34.07 10.23 2.40
CA LEU D 120 -35.34 10.26 3.11
C LEU D 120 -35.99 11.63 3.03
N GLU D 121 -35.18 12.69 2.98
CA GLU D 121 -35.69 14.05 2.83
C GLU D 121 -36.18 14.29 1.41
N LEU D 122 -35.57 13.64 0.42
CA LEU D 122 -36.05 13.78 -0.96
C LEU D 122 -37.38 13.07 -1.17
N LEU D 123 -37.61 11.96 -0.46
CA LEU D 123 -38.90 11.28 -0.52
C LEU D 123 -39.97 12.09 0.19
N LYS D 124 -39.62 12.74 1.29
CA LYS D 124 -40.58 13.60 1.98
C LYS D 124 -41.00 14.76 1.08
N GLU D 125 -40.05 15.31 0.31
CA GLU D 125 -40.39 16.41 -0.59
C GLU D 125 -41.28 15.95 -1.72
N SER D 126 -41.16 14.69 -2.15
CA SER D 126 -41.98 14.13 -3.22
C SER D 126 -43.18 13.34 -2.69
N LYS D 127 -43.40 13.33 -1.38
CA LYS D 127 -44.54 12.66 -0.78
C LYS D 127 -44.67 11.22 -1.29
N ILE D 128 -43.59 10.46 -1.16
CA ILE D 128 -43.52 9.07 -1.59
C ILE D 128 -43.22 8.22 -0.36
N ASN D 129 -44.01 7.16 -0.15
CA ASN D 129 -43.79 6.31 1.00
C ASN D 129 -42.50 5.51 0.81
N VAL D 130 -41.87 5.16 1.93
CA VAL D 130 -40.60 4.45 1.87
C VAL D 130 -40.82 2.97 1.60
N ASN D 131 -41.89 2.41 2.14
CA ASN D 131 -42.24 1.02 1.91
C ASN D 131 -43.05 0.82 0.64
N ASP D 132 -43.02 1.80 -0.28
CA ASP D 132 -43.63 1.67 -1.60
C ASP D 132 -42.63 1.67 -2.75
N ILE D 133 -41.38 2.05 -2.49
CA ILE D 133 -40.34 2.07 -3.51
C ILE D 133 -39.45 0.87 -3.28
N ASP D 134 -38.78 0.43 -4.34
CA ASP D 134 -37.91 -0.75 -4.31
C ASP D 134 -36.46 -0.34 -4.49
N TYR D 135 -35.56 -1.31 -4.30
CA TYR D 135 -34.13 -1.03 -4.35
C TYR D 135 -33.74 -0.37 -5.67
N ASP D 136 -34.31 -0.83 -6.78
CA ASP D 136 -33.94 -0.28 -8.08
C ASP D 136 -34.38 1.16 -8.23
N TYR D 137 -35.53 1.51 -7.64
CA TYR D 137 -35.99 2.89 -7.70
C TYR D 137 -35.10 3.81 -6.87
N VAL D 138 -34.72 3.38 -5.66
CA VAL D 138 -33.93 4.22 -4.78
C VAL D 138 -32.54 4.48 -5.38
N LEU D 139 -31.97 3.49 -6.08
CA LEU D 139 -30.67 3.64 -6.72
C LEU D 139 -30.68 4.79 -7.73
N LYS D 140 -31.71 4.84 -8.58
CA LYS D 140 -31.80 5.92 -9.56
C LYS D 140 -31.73 7.27 -8.87
N LEU D 141 -32.53 7.46 -7.81
CA LEU D 141 -32.48 8.69 -7.04
C LEU D 141 -31.11 8.90 -6.43
N TYR D 142 -30.58 7.88 -5.74
CA TYR D 142 -29.26 7.97 -5.10
C TYR D 142 -28.21 8.54 -6.05
N LYS D 143 -28.09 7.97 -7.25
CA LYS D 143 -27.03 8.39 -8.16
C LYS D 143 -27.21 9.85 -8.57
N GLN D 144 -28.45 10.32 -8.64
CA GLN D 144 -28.71 11.72 -8.95
C GLN D 144 -28.19 12.62 -7.83
N ILE D 145 -28.46 12.24 -6.57
CA ILE D 145 -28.05 13.06 -5.43
C ILE D 145 -26.54 13.10 -5.25
N LEU D 146 -25.80 12.31 -6.03
CA LEU D 146 -24.34 12.32 -6.04
C LEU D 146 -23.78 12.99 -7.29
N SER D 147 -24.62 13.66 -8.08
CA SER D 147 -24.15 14.33 -9.29
C SER D 147 -24.41 15.82 -9.31
N ALA E 2 35.84 -6.62 1.18
CA ALA E 2 34.65 -7.37 1.59
C ALA E 2 34.41 -7.19 3.10
N GLU E 3 35.48 -6.94 3.84
CA GLU E 3 35.43 -6.68 5.26
C GLU E 3 35.31 -5.18 5.54
N LEU E 4 35.10 -4.82 6.82
CA LEU E 4 34.94 -3.42 7.19
C LEU E 4 36.25 -2.83 7.68
N PRO E 5 36.44 -1.52 7.53
CA PRO E 5 37.66 -0.88 8.04
C PRO E 5 37.98 -1.19 9.49
N THR E 6 39.22 -0.91 9.88
CA THR E 6 39.65 -1.20 11.25
C THR E 6 38.98 -0.30 12.27
N HIS E 7 38.71 0.96 11.90
CA HIS E 7 38.22 1.92 12.87
C HIS E 7 36.90 1.48 13.51
N TYR E 8 36.17 0.55 12.89
CA TYR E 8 34.98 0.02 13.53
C TYR E 8 35.32 -0.66 14.86
N GLY E 9 36.53 -1.20 14.99
CA GLY E 9 36.98 -1.68 16.29
C GLY E 9 37.04 -0.58 17.32
N THR E 10 37.75 0.52 17.01
CA THR E 10 37.81 1.67 17.90
C THR E 10 36.41 2.14 18.27
N ILE E 11 35.53 2.22 17.27
CA ILE E 11 34.16 2.68 17.51
C ILE E 11 33.45 1.74 18.49
N ILE E 12 33.50 0.44 18.21
CA ILE E 12 32.86 -0.51 19.13
C ILE E 12 33.50 -0.40 20.51
N LYS E 13 34.83 -0.26 20.56
CA LYS E 13 35.52 -0.18 21.85
C LYS E 13 35.08 1.05 22.63
N THR E 14 35.25 2.25 22.04
CA THR E 14 34.87 3.47 22.73
C THR E 14 33.44 3.40 23.23
N LEU E 15 32.52 2.99 22.35
CA LEU E 15 31.11 2.94 22.70
C LEU E 15 30.81 1.84 23.71
N ARG E 16 31.57 0.74 23.68
CA ARG E 16 31.46 -0.23 24.75
C ARG E 16 31.79 0.42 26.09
N LYS E 17 32.94 1.09 26.16
CA LYS E 17 33.32 1.77 27.39
C LYS E 17 32.33 2.86 27.77
N TYR E 18 31.64 3.43 26.78
CA TYR E 18 30.68 4.49 27.06
C TYR E 18 29.37 3.97 27.64
N MET E 19 28.93 2.79 27.22
CA MET E 19 27.74 2.16 27.79
C MET E 19 28.07 1.33 29.02
N LYS E 20 29.22 1.58 29.64
CA LYS E 20 29.67 0.90 30.85
C LYS E 20 29.38 -0.59 30.80
N LEU E 21 29.84 -1.22 29.73
CA LEU E 21 29.64 -2.65 29.51
C LEU E 21 31.01 -3.32 29.41
N THR E 22 31.18 -4.40 30.15
CA THR E 22 32.43 -5.15 30.10
C THR E 22 32.44 -6.04 28.85
N GLN E 23 33.65 -6.39 28.41
CA GLN E 23 33.77 -7.27 27.25
C GLN E 23 32.94 -8.53 27.45
N SER E 24 32.94 -9.07 28.68
CA SER E 24 32.18 -10.28 28.95
C SER E 24 30.67 -10.05 28.87
N LYS E 25 30.20 -8.88 29.32
CA LYS E 25 28.78 -8.58 29.22
C LYS E 25 28.35 -8.47 27.76
N LEU E 26 29.14 -7.77 26.94
CA LEU E 26 28.84 -7.67 25.52
C LEU E 26 28.97 -9.03 24.83
N SER E 27 29.86 -9.89 25.32
CA SER E 27 30.03 -11.21 24.73
C SER E 27 28.73 -12.00 24.78
N GLU E 28 27.93 -11.82 25.83
CA GLU E 28 26.60 -12.43 25.92
C GLU E 28 25.52 -11.62 25.22
N ARG E 29 25.73 -10.31 25.08
CA ARG E 29 24.75 -9.47 24.39
C ARG E 29 24.78 -9.71 22.89
N THR E 30 25.98 -9.83 22.34
CA THR E 30 26.15 -10.03 20.91
C THR E 30 26.24 -11.51 20.55
N GLY E 31 26.86 -12.31 21.41
CA GLY E 31 27.09 -13.70 21.11
C GLY E 31 28.45 -14.00 20.53
N PHE E 32 29.37 -13.03 20.56
CA PHE E 32 30.74 -13.23 20.12
C PHE E 32 31.61 -13.61 21.33
N SER E 33 32.49 -14.59 21.14
CA SER E 33 33.42 -14.96 22.18
C SER E 33 34.24 -13.75 22.60
N GLN E 34 34.66 -13.73 23.87
CA GLN E 34 35.43 -12.59 24.36
C GLN E 34 36.69 -12.37 23.56
N ASN E 35 37.27 -13.44 22.98
CA ASN E 35 38.44 -13.27 22.13
C ASN E 35 38.07 -12.60 20.83
N THR E 36 36.94 -12.97 20.23
CA THR E 36 36.50 -12.32 18.99
C THR E 36 36.40 -10.81 19.17
N ILE E 37 35.76 -10.37 20.27
CA ILE E 37 35.59 -8.94 20.50
C ILE E 37 36.92 -8.25 20.73
N SER E 38 37.87 -8.92 21.41
CA SER E 38 39.14 -8.29 21.71
C SER E 38 39.97 -8.08 20.44
N ASN E 39 40.06 -9.11 19.60
CA ASN E 39 40.73 -8.94 18.31
C ASN E 39 39.98 -7.99 17.40
N HIS E 40 38.65 -7.90 17.56
CA HIS E 40 37.87 -6.90 16.82
C HIS E 40 38.19 -5.49 17.30
N GLU E 41 38.11 -5.27 18.62
CA GLU E 41 38.38 -3.95 19.18
C GLU E 41 39.86 -3.58 19.07
N ASN E 42 40.75 -4.54 19.34
CA ASN E 42 42.18 -4.27 19.32
C ASN E 42 42.75 -4.08 17.92
N GLY E 43 41.93 -4.19 16.88
CA GLY E 43 42.36 -3.94 15.52
C GLY E 43 42.98 -5.12 14.82
N ASN E 44 42.85 -6.32 15.39
CA ASN E 44 43.55 -7.49 14.87
C ASN E 44 42.80 -8.19 13.73
N ARG E 45 41.48 -8.28 13.80
CA ARG E 45 40.66 -8.86 12.74
C ARG E 45 39.53 -7.88 12.42
N ASN E 46 39.12 -7.85 11.15
CA ASN E 46 38.15 -6.87 10.69
C ASN E 46 36.72 -7.40 10.77
N ILE E 47 35.80 -6.52 11.15
CA ILE E 47 34.42 -6.89 11.43
C ILE E 47 33.66 -7.09 10.13
N GLY E 48 32.93 -8.20 10.05
CA GLY E 48 32.17 -8.49 8.83
C GLY E 48 31.10 -7.46 8.58
N VAL E 49 30.61 -7.44 7.34
CA VAL E 49 29.64 -6.43 6.93
C VAL E 49 28.38 -6.53 7.79
N ASN E 50 27.94 -7.75 8.10
CA ASN E 50 26.68 -7.96 8.77
C ASN E 50 26.81 -8.08 10.27
N GLU E 51 28.03 -8.12 10.81
CA GLU E 51 28.22 -8.25 12.24
C GLU E 51 27.97 -6.95 13.00
N ILE E 52 27.99 -5.80 12.30
CA ILE E 52 27.77 -4.52 12.96
C ILE E 52 26.34 -4.41 13.47
N GLU E 53 25.37 -4.92 12.71
CA GLU E 53 23.99 -4.91 13.20
C GLU E 53 23.89 -5.63 14.54
N ILE E 54 24.58 -6.76 14.68
CA ILE E 54 24.61 -7.48 15.96
C ILE E 54 25.17 -6.59 17.05
N TYR E 55 26.34 -5.98 16.79
CA TYR E 55 26.95 -5.09 17.77
C TYR E 55 26.00 -3.97 18.18
N GLY E 56 25.31 -3.38 17.21
CA GLY E 56 24.37 -2.31 17.53
C GLY E 56 23.31 -2.74 18.52
N LYS E 57 22.72 -3.93 18.29
CA LYS E 57 21.77 -4.47 19.25
C LYS E 57 22.45 -4.75 20.58
N GLY E 58 23.61 -5.41 20.55
CA GLY E 58 24.35 -5.63 21.78
C GLY E 58 24.60 -4.35 22.55
N LEU E 59 25.13 -3.34 21.87
CA LEU E 59 25.43 -2.06 22.53
C LEU E 59 24.16 -1.28 22.86
N GLY E 60 23.07 -1.53 22.15
CA GLY E 60 21.90 -0.69 22.27
C GLY E 60 22.06 0.65 21.58
N ILE E 61 22.85 0.70 20.51
CA ILE E 61 23.02 1.88 19.68
C ILE E 61 22.58 1.50 18.27
N PRO E 62 21.64 2.23 17.66
CA PRO E 62 21.21 1.87 16.30
C PRO E 62 22.36 1.69 15.31
N SER E 63 22.47 0.50 14.70
CA SER E 63 23.58 0.25 13.78
C SER E 63 23.68 1.34 12.72
N TYR E 64 22.54 1.91 12.31
CA TYR E 64 22.52 3.08 11.44
C TYR E 64 23.48 4.16 11.91
N ILE E 65 23.67 4.30 13.23
CA ILE E 65 24.52 5.38 13.74
C ILE E 65 26.00 5.03 13.65
N LEU E 66 26.35 3.77 13.89
CA LEU E 66 27.76 3.37 13.81
C LEU E 66 28.35 3.75 12.45
N HIS E 67 27.60 3.55 11.38
CA HIS E 67 28.09 3.87 10.04
C HIS E 67 28.25 5.37 9.86
N ARG E 68 27.32 6.16 10.39
CA ARG E 68 27.44 7.61 10.30
C ARG E 68 28.69 8.11 11.01
N ILE E 69 29.10 7.42 12.08
CA ILE E 69 30.37 7.74 12.73
C ILE E 69 31.53 7.37 11.83
N SER E 70 31.49 6.16 11.26
CA SER E 70 32.51 5.72 10.33
C SER E 70 32.66 6.71 9.18
N ASP E 71 31.53 7.20 8.65
CA ASP E 71 31.58 8.22 7.61
C ASP E 71 32.45 9.41 8.03
N GLU E 72 32.51 9.69 9.33
CA GLU E 72 33.33 10.79 9.82
C GLU E 72 34.81 10.42 9.89
N PHE E 73 35.13 9.14 10.13
CA PHE E 73 36.52 8.71 10.06
C PHE E 73 37.04 8.72 8.63
N LYS E 74 36.21 8.24 7.69
CA LYS E 74 36.63 8.17 6.29
C LYS E 74 36.95 9.55 5.74
N GLU E 75 36.32 10.59 6.29
CA GLU E 75 36.53 11.95 5.80
C GLU E 75 37.56 12.70 6.64
N LYS E 76 37.22 12.98 7.89
CA LYS E 76 38.04 13.86 8.72
C LYS E 76 39.31 13.20 9.22
N GLY E 77 39.36 11.86 9.25
CA GLY E 77 40.49 11.15 9.83
C GLY E 77 40.22 10.71 11.25
N TYR E 78 39.53 11.55 12.03
CA TYR E 78 38.99 11.22 13.34
C TYR E 78 37.48 11.37 13.28
N SER E 79 36.81 11.19 14.41
CA SER E 79 35.35 11.34 14.48
C SER E 79 34.95 12.27 15.62
N PRO E 80 34.55 13.50 15.32
CA PRO E 80 34.19 14.42 16.42
C PRO E 80 32.93 13.98 17.16
N THR E 81 32.01 13.31 16.47
CA THR E 81 30.84 12.77 17.15
C THR E 81 31.24 11.74 18.20
N LEU E 82 32.06 10.76 17.81
CA LEU E 82 32.56 9.78 18.77
C LEU E 82 33.40 10.44 19.86
N ASN E 83 34.06 11.55 19.54
CA ASN E 83 34.82 12.29 20.55
C ASN E 83 33.89 12.70 21.69
N ASP E 84 32.95 13.59 21.41
CA ASP E 84 31.98 14.02 22.41
C ASP E 84 30.64 13.30 22.18
N PHE E 85 30.68 11.98 22.38
CA PHE E 85 29.50 11.17 22.10
C PHE E 85 28.40 11.36 23.14
N GLY E 86 28.76 11.76 24.36
CA GLY E 86 27.74 11.97 25.37
C GLY E 86 26.75 13.05 24.97
N LYS E 87 27.26 14.23 24.60
CA LYS E 87 26.39 15.31 24.14
C LYS E 87 25.55 14.87 22.95
N PHE E 88 26.06 13.96 22.12
CA PHE E 88 25.28 13.43 21.00
C PHE E 88 24.14 12.55 21.51
N ASP E 89 24.48 11.49 22.26
CA ASP E 89 23.46 10.61 22.80
C ASP E 89 22.36 11.41 23.51
N LYS E 90 22.74 12.45 24.26
CA LYS E 90 21.75 13.28 24.92
C LYS E 90 20.83 13.94 23.90
N MET E 91 21.40 14.60 22.90
CA MET E 91 20.60 15.30 21.90
C MET E 91 19.82 14.33 21.04
N TYR E 92 20.46 13.26 20.57
CA TYR E 92 19.79 12.29 19.72
C TYR E 92 18.52 11.77 20.37
N SER E 93 18.57 11.54 21.69
CA SER E 93 17.38 11.03 22.37
C SER E 93 16.26 12.07 22.41
N TYR E 94 16.61 13.36 22.46
CA TYR E 94 15.60 14.39 22.33
C TYR E 94 15.06 14.45 20.90
N VAL E 95 15.96 14.51 19.91
CA VAL E 95 15.55 14.49 18.52
C VAL E 95 14.65 13.29 18.24
N ASN E 96 15.01 12.13 18.76
CA ASN E 96 14.18 10.94 18.57
C ASN E 96 12.79 11.14 19.18
N LYS E 97 12.72 11.31 20.49
CA LYS E 97 11.47 11.62 21.18
C LYS E 97 10.65 12.63 20.38
N ALA E 98 11.30 13.68 19.88
CA ALA E 98 10.58 14.71 19.14
C ALA E 98 10.01 14.16 17.84
N TYR E 99 10.79 13.36 17.10
CA TYR E 99 10.34 12.84 15.82
C TYR E 99 9.14 11.92 15.99
N TYR E 100 9.17 11.09 17.02
CA TYR E 100 8.15 10.06 17.22
C TYR E 100 6.95 10.56 17.99
N ASN E 101 6.96 11.79 18.49
CA ASN E 101 5.87 12.30 19.30
C ASN E 101 5.29 13.65 18.87
N ASP E 102 5.90 14.34 17.89
CA ASP E 102 5.42 15.66 17.47
C ASP E 102 5.23 15.66 15.96
N GLY E 103 4.05 16.07 15.51
CA GLY E 103 3.74 16.00 14.10
C GLY E 103 4.56 16.94 13.24
N ASP E 104 4.83 18.15 13.73
CA ASP E 104 5.65 19.07 12.94
C ASP E 104 6.99 18.43 12.60
N ILE E 105 7.59 17.71 13.55
CA ILE E 105 8.87 17.03 13.31
C ILE E 105 8.67 15.78 12.47
N TYR E 106 7.63 15.00 12.75
CA TYR E 106 7.45 13.73 12.06
C TYR E 106 7.21 13.93 10.56
N TYR E 107 6.39 14.92 10.21
CA TYR E 107 6.05 15.20 8.83
C TYR E 107 6.99 16.22 8.20
N SER E 108 8.17 16.41 8.79
CA SER E 108 9.13 17.39 8.28
C SER E 108 10.58 16.93 8.31
N SER E 109 10.96 16.05 9.22
CA SER E 109 12.36 15.66 9.36
C SER E 109 12.85 14.92 8.14
N TYR E 110 14.12 15.15 7.81
CA TYR E 110 14.78 14.43 6.73
C TYR E 110 15.67 13.31 7.24
N ASP E 111 16.56 13.59 8.19
CA ASP E 111 17.46 12.58 8.71
C ASP E 111 17.83 12.95 10.13
N LEU E 112 17.43 12.10 11.08
CA LEU E 112 17.59 12.41 12.50
C LEU E 112 19.04 12.65 12.88
N TYR E 113 19.98 11.94 12.24
CA TYR E 113 21.38 12.07 12.62
C TYR E 113 21.90 13.47 12.34
N ASP E 114 21.77 13.95 11.11
CA ASP E 114 22.24 15.29 10.78
C ASP E 114 21.54 16.34 11.62
N GLU E 115 20.23 16.19 11.80
CA GLU E 115 19.47 17.16 12.58
C GLU E 115 20.01 17.26 14.00
N THR E 116 20.43 16.12 14.58
CA THR E 116 21.10 16.15 15.86
C THR E 116 22.39 16.96 15.79
N ILE E 117 23.16 16.78 14.72
CA ILE E 117 24.43 17.50 14.58
C ILE E 117 24.19 18.99 14.37
N LYS E 118 23.25 19.35 13.49
CA LYS E 118 22.89 20.74 13.33
C LYS E 118 22.50 21.38 14.66
N LEU E 119 21.78 20.62 15.50
CA LEU E 119 21.33 21.14 16.79
C LEU E 119 22.50 21.33 17.75
N LEU E 120 23.42 20.37 17.79
CA LEU E 120 24.58 20.51 18.67
C LEU E 120 25.47 21.65 18.24
N GLU E 121 25.58 21.89 16.92
CA GLU E 121 26.38 23.01 16.42
C GLU E 121 25.69 24.34 16.69
N LEU E 122 24.35 24.36 16.70
CA LEU E 122 23.65 25.60 17.03
C LEU E 122 23.78 25.94 18.52
N LEU E 123 23.85 24.93 19.38
CA LEU E 123 24.05 25.19 20.81
C LEU E 123 25.48 25.65 21.09
N LYS E 124 26.46 25.06 20.40
CA LYS E 124 27.84 25.52 20.57
C LYS E 124 28.01 26.96 20.10
N GLU E 125 27.33 27.34 19.02
CA GLU E 125 27.43 28.71 18.53
C GLU E 125 26.81 29.70 19.50
N SER E 126 25.80 29.28 20.27
CA SER E 126 25.17 30.13 21.27
C SER E 126 25.76 29.93 22.66
N LYS E 127 26.83 29.14 22.77
CA LYS E 127 27.51 28.91 24.05
C LYS E 127 26.54 28.49 25.15
N ILE E 128 25.76 27.44 24.87
CA ILE E 128 24.82 26.87 25.82
C ILE E 128 25.19 25.41 26.06
N ASN E 129 25.38 25.04 27.32
CA ASN E 129 25.68 23.66 27.67
C ASN E 129 24.42 22.81 27.51
N VAL E 130 24.61 21.49 27.38
CA VAL E 130 23.47 20.62 27.11
C VAL E 130 22.64 20.35 28.35
N ASN E 131 23.26 20.31 29.53
CA ASN E 131 22.52 20.11 30.77
C ASN E 131 21.93 21.40 31.32
N ASP E 132 21.79 22.39 30.45
CA ASP E 132 21.07 23.62 30.74
C ASP E 132 19.78 23.71 29.94
N ILE E 133 19.60 22.85 28.93
CA ILE E 133 18.40 22.78 28.11
C ILE E 133 17.62 21.50 28.41
N ASP E 134 16.31 21.56 28.22
CA ASP E 134 15.39 20.45 28.42
C ASP E 134 14.72 20.10 27.10
N TYR E 135 13.95 18.99 27.10
CA TYR E 135 13.31 18.56 25.86
C TYR E 135 12.48 19.67 25.24
N ASP E 136 11.77 20.43 26.07
CA ASP E 136 10.89 21.47 25.54
C ASP E 136 11.69 22.59 24.88
N TYR E 137 12.86 22.92 25.45
CA TYR E 137 13.68 23.96 24.84
C TYR E 137 14.24 23.50 23.51
N VAL E 138 14.71 22.24 23.46
CA VAL E 138 15.31 21.71 22.23
C VAL E 138 14.27 21.60 21.12
N LEU E 139 13.04 21.22 21.46
CA LEU E 139 11.99 21.09 20.46
C LEU E 139 11.76 22.40 19.73
N LYS E 140 11.63 23.50 20.48
CA LYS E 140 11.44 24.81 19.86
C LYS E 140 12.54 25.10 18.85
N LEU E 141 13.79 24.86 19.24
CA LEU E 141 14.92 25.05 18.34
C LEU E 141 14.80 24.12 17.14
N TYR E 142 14.64 22.81 17.38
CA TYR E 142 14.50 21.82 16.31
C TYR E 142 13.51 22.27 15.25
N LYS E 143 12.34 22.75 15.67
CA LYS E 143 11.30 23.11 14.71
C LYS E 143 11.74 24.26 13.82
N GLN E 144 12.54 25.18 14.36
CA GLN E 144 13.05 26.29 13.55
C GLN E 144 14.01 25.79 12.47
N ILE E 145 14.93 24.89 12.83
CA ILE E 145 15.93 24.44 11.87
C ILE E 145 15.32 23.61 10.75
N LEU E 146 14.03 23.32 10.80
CA LEU E 146 13.39 22.56 9.74
C LEU E 146 12.61 23.46 8.79
N SER E 147 12.69 24.78 8.95
CA SER E 147 12.18 25.72 7.96
C SER E 147 13.19 26.85 7.70
N ALA F 2 -19.83 -18.60 -20.30
CA ALA F 2 -19.68 -19.10 -21.67
C ALA F 2 -18.41 -19.92 -21.86
N GLU F 3 -18.47 -20.96 -22.68
CA GLU F 3 -17.34 -21.86 -22.87
C GLU F 3 -16.35 -21.28 -23.87
N LEU F 4 -15.16 -21.98 -24.01
CA LEU F 4 -14.06 -21.45 -24.81
C LEU F 4 -14.11 -21.98 -26.24
N PRO F 5 -13.63 -21.18 -27.20
CA PRO F 5 -13.58 -21.65 -28.59
C PRO F 5 -12.88 -22.99 -28.72
N THR F 6 -13.13 -23.66 -29.84
CA THR F 6 -12.57 -24.98 -30.05
C THR F 6 -11.08 -24.93 -30.29
N HIS F 7 -10.58 -23.84 -30.89
CA HIS F 7 -9.17 -23.80 -31.26
C HIS F 7 -8.25 -23.99 -30.06
N TYR F 8 -8.74 -23.77 -28.83
CA TYR F 8 -7.93 -24.10 -27.66
C TYR F 8 -7.54 -25.57 -27.66
N GLY F 9 -8.38 -26.43 -28.23
CA GLY F 9 -7.98 -27.81 -28.42
C GLY F 9 -6.74 -27.94 -29.28
N THR F 10 -6.76 -27.30 -30.46
CA THR F 10 -5.59 -27.27 -31.32
C THR F 10 -4.38 -26.72 -30.57
N ILE F 11 -4.57 -25.63 -29.84
CA ILE F 11 -3.48 -24.99 -29.10
C ILE F 11 -2.89 -25.95 -28.08
N ILE F 12 -3.75 -26.55 -27.23
CA ILE F 12 -3.26 -27.51 -26.26
C ILE F 12 -2.59 -28.68 -26.97
N LYS F 13 -3.19 -29.17 -28.06
CA LYS F 13 -2.65 -30.33 -28.76
C LYS F 13 -1.26 -30.04 -29.32
N THR F 14 -1.14 -28.97 -30.13
CA THR F 14 0.15 -28.63 -30.71
C THR F 14 1.21 -28.46 -29.63
N LEU F 15 0.88 -27.72 -28.57
CA LEU F 15 1.87 -27.46 -27.53
C LEU F 15 2.18 -28.71 -26.71
N ARG F 16 1.23 -29.63 -26.59
CA ARG F 16 1.55 -30.93 -25.99
C ARG F 16 2.64 -31.63 -26.79
N LYS F 17 2.47 -31.74 -28.10
CA LYS F 17 3.49 -32.35 -28.94
C LYS F 17 4.79 -31.56 -28.91
N TYR F 18 4.73 -30.26 -28.61
CA TYR F 18 5.95 -29.46 -28.59
C TYR F 18 6.76 -29.68 -27.32
N MET F 19 6.08 -29.86 -26.18
CA MET F 19 6.75 -30.15 -24.92
C MET F 19 7.02 -31.63 -24.75
N LYS F 20 7.00 -32.39 -25.84
CA LYS F 20 7.25 -33.82 -25.83
C LYS F 20 6.56 -34.47 -24.64
N LEU F 21 5.25 -34.25 -24.55
CA LEU F 21 4.42 -34.77 -23.47
C LEU F 21 3.37 -35.70 -24.05
N THR F 22 3.21 -36.87 -23.42
CA THR F 22 2.14 -37.80 -23.86
C THR F 22 0.82 -37.41 -23.19
N GLN F 23 -0.31 -37.86 -23.73
CA GLN F 23 -1.63 -37.58 -23.09
C GLN F 23 -1.64 -38.17 -21.69
N SER F 24 -1.02 -39.35 -21.50
CA SER F 24 -0.97 -40.01 -20.17
C SER F 24 -0.18 -39.13 -19.18
N LYS F 25 0.96 -38.59 -19.60
CA LYS F 25 1.77 -37.71 -18.71
C LYS F 25 0.96 -36.46 -18.37
N LEU F 26 0.32 -35.85 -19.38
CA LEU F 26 -0.52 -34.65 -19.15
C LEU F 26 -1.68 -35.03 -18.23
N SER F 27 -2.23 -36.24 -18.39
CA SER F 27 -3.37 -36.71 -17.55
C SER F 27 -2.96 -36.71 -16.07
N GLU F 28 -1.74 -37.13 -15.78
CA GLU F 28 -1.24 -37.12 -14.37
C GLU F 28 -1.10 -35.67 -13.89
N ARG F 29 -0.52 -34.79 -14.73
CA ARG F 29 -0.30 -33.37 -14.33
C ARG F 29 -1.63 -32.66 -14.16
N THR F 30 -2.51 -32.71 -15.17
CA THR F 30 -3.80 -31.97 -15.12
C THR F 30 -4.79 -32.65 -14.16
N GLY F 31 -4.85 -33.98 -14.16
CA GLY F 31 -5.85 -34.68 -13.33
C GLY F 31 -7.05 -35.11 -14.15
N PHE F 32 -7.14 -34.64 -15.40
CA PHE F 32 -8.25 -35.04 -16.30
C PHE F 32 -7.94 -36.41 -16.90
N SER F 33 -8.97 -37.21 -17.17
CA SER F 33 -8.76 -38.53 -17.81
C SER F 33 -8.23 -38.33 -19.23
N GLN F 34 -7.50 -39.32 -19.76
CA GLN F 34 -6.97 -39.21 -21.15
C GLN F 34 -8.13 -39.01 -22.12
N ASN F 35 -9.28 -39.64 -21.85
CA ASN F 35 -10.49 -39.47 -22.69
C ASN F 35 -10.92 -38.01 -22.68
N THR F 36 -10.96 -37.38 -21.50
CA THR F 36 -11.35 -35.95 -21.39
C THR F 36 -10.37 -35.11 -22.21
N ILE F 37 -9.07 -35.35 -22.06
CA ILE F 37 -8.03 -34.58 -22.81
C ILE F 37 -8.23 -34.82 -24.31
N SER F 38 -8.51 -36.06 -24.72
CA SER F 38 -8.72 -36.38 -26.16
C SER F 38 -9.88 -35.54 -26.69
N ASN F 39 -11.09 -35.69 -26.16
CA ASN F 39 -12.25 -34.95 -26.63
C ASN F 39 -12.02 -33.45 -26.55
N HIS F 40 -11.15 -33.01 -25.64
CA HIS F 40 -10.76 -31.60 -25.63
C HIS F 40 -9.85 -31.28 -26.81
N GLU F 41 -8.79 -32.06 -27.01
CA GLU F 41 -7.89 -31.80 -28.11
C GLU F 41 -8.55 -32.05 -29.45
N ASN F 42 -9.26 -33.18 -29.58
CA ASN F 42 -9.87 -33.58 -30.85
C ASN F 42 -11.09 -32.75 -31.22
N GLY F 43 -11.44 -31.75 -30.40
CA GLY F 43 -12.50 -30.80 -30.73
C GLY F 43 -13.89 -31.22 -30.37
N ASN F 44 -14.05 -32.31 -29.61
CA ASN F 44 -15.37 -32.87 -29.37
C ASN F 44 -16.13 -32.15 -28.26
N ARG F 45 -15.43 -31.70 -27.21
CA ARG F 45 -16.01 -30.92 -26.14
C ARG F 45 -15.14 -29.69 -25.89
N ASN F 46 -15.78 -28.60 -25.45
CA ASN F 46 -15.09 -27.32 -25.28
C ASN F 46 -14.53 -27.17 -23.88
N ILE F 47 -13.35 -26.56 -23.78
CA ILE F 47 -12.62 -26.43 -22.53
C ILE F 47 -13.21 -25.29 -21.71
N GLY F 48 -13.49 -25.55 -20.43
CA GLY F 48 -14.04 -24.53 -19.56
C GLY F 48 -13.06 -23.39 -19.31
N VAL F 49 -13.61 -22.26 -18.86
CA VAL F 49 -12.77 -21.08 -18.65
C VAL F 49 -11.67 -21.37 -17.65
N ASN F 50 -11.99 -22.15 -16.61
CA ASN F 50 -11.05 -22.38 -15.52
C ASN F 50 -10.17 -23.60 -15.74
N GLU F 51 -10.46 -24.42 -16.75
CA GLU F 51 -9.65 -25.58 -17.04
C GLU F 51 -8.35 -25.23 -17.75
N ILE F 52 -8.30 -24.07 -18.41
CA ILE F 52 -7.09 -23.68 -19.12
C ILE F 52 -5.94 -23.41 -18.15
N GLU F 53 -6.25 -22.84 -16.99
CA GLU F 53 -5.22 -22.65 -15.97
C GLU F 53 -4.59 -23.98 -15.60
N ILE F 54 -5.41 -25.02 -15.42
CA ILE F 54 -4.89 -26.35 -15.13
C ILE F 54 -3.97 -26.82 -16.26
N TYR F 55 -4.45 -26.74 -17.50
CA TYR F 55 -3.63 -27.16 -18.63
C TYR F 55 -2.30 -26.41 -18.65
N GLY F 56 -2.32 -25.11 -18.37
CA GLY F 56 -1.08 -24.35 -18.36
C GLY F 56 -0.06 -24.93 -17.40
N LYS F 57 -0.49 -25.27 -16.19
CA LYS F 57 0.40 -25.95 -15.25
C LYS F 57 0.80 -27.33 -15.79
N GLY F 58 -0.19 -28.09 -16.26
CA GLY F 58 0.10 -29.38 -16.87
C GLY F 58 1.13 -29.29 -17.98
N LEU F 59 0.93 -28.36 -18.91
CA LEU F 59 1.89 -28.18 -20.00
C LEU F 59 3.16 -27.48 -19.56
N GLY F 60 3.10 -26.71 -18.48
CA GLY F 60 4.23 -25.87 -18.12
C GLY F 60 4.40 -24.65 -18.99
N ILE F 61 3.31 -24.11 -19.54
CA ILE F 61 3.30 -22.87 -20.30
C ILE F 61 2.35 -21.94 -19.55
N PRO F 62 2.80 -20.72 -19.16
CA PRO F 62 1.90 -19.80 -18.45
C PRO F 62 0.56 -19.61 -19.15
N SER F 63 -0.53 -19.89 -18.45
CA SER F 63 -1.87 -19.77 -19.07
C SER F 63 -2.06 -18.41 -19.70
N TYR F 64 -1.40 -17.37 -19.17
CA TYR F 64 -1.41 -16.07 -19.83
C TYR F 64 -1.11 -16.16 -21.32
N ILE F 65 -0.20 -17.06 -21.72
CA ILE F 65 0.26 -17.11 -23.10
C ILE F 65 -0.72 -17.85 -23.98
N LEU F 66 -1.35 -18.90 -23.45
CA LEU F 66 -2.34 -19.65 -24.23
C LEU F 66 -3.42 -18.73 -24.80
N HIS F 67 -3.86 -17.75 -24.00
CA HIS F 67 -4.89 -16.82 -24.47
C HIS F 67 -4.35 -15.89 -25.55
N ARG F 68 -3.12 -15.41 -25.39
CA ARG F 68 -2.52 -14.56 -26.40
C ARG F 68 -2.37 -15.29 -27.73
N ILE F 69 -2.17 -16.61 -27.68
CA ILE F 69 -2.19 -17.42 -28.89
C ILE F 69 -3.61 -17.50 -29.47
N SER F 70 -4.58 -17.78 -28.60
CA SER F 70 -5.98 -17.75 -29.02
C SER F 70 -6.33 -16.41 -29.64
N ASP F 71 -5.88 -15.31 -29.04
CA ASP F 71 -6.11 -13.98 -29.61
C ASP F 71 -5.64 -13.91 -31.06
N GLU F 72 -4.61 -14.68 -31.41
CA GLU F 72 -4.12 -14.70 -32.78
C GLU F 72 -5.02 -15.55 -33.67
N PHE F 73 -5.70 -16.55 -33.11
CA PHE F 73 -6.72 -17.29 -33.87
C PHE F 73 -7.95 -16.42 -34.11
N LYS F 74 -8.39 -15.70 -33.06
CA LYS F 74 -9.58 -14.88 -33.16
C LYS F 74 -9.43 -13.78 -34.22
N GLU F 75 -8.20 -13.37 -34.51
CA GLU F 75 -7.97 -12.32 -35.49
C GLU F 75 -7.54 -12.88 -36.85
N LYS F 76 -6.35 -13.47 -36.91
CA LYS F 76 -5.73 -13.85 -38.17
C LYS F 76 -6.37 -15.10 -38.79
N GLY F 77 -7.07 -15.89 -37.99
CA GLY F 77 -7.62 -17.16 -38.46
C GLY F 77 -6.74 -18.33 -38.10
N TYR F 78 -5.43 -18.12 -38.17
CA TYR F 78 -4.40 -19.06 -37.70
C TYR F 78 -3.59 -18.37 -36.61
N SER F 79 -2.55 -19.03 -36.14
CA SER F 79 -1.67 -18.46 -35.13
C SER F 79 -0.23 -18.61 -35.59
N PRO F 80 0.43 -17.54 -36.03
CA PRO F 80 1.84 -17.66 -36.46
C PRO F 80 2.77 -17.96 -35.30
N THR F 81 2.45 -17.47 -34.09
CA THR F 81 3.26 -17.81 -32.92
C THR F 81 3.25 -19.30 -32.66
N LEU F 82 2.05 -19.89 -32.58
CA LEU F 82 1.93 -21.32 -32.37
C LEU F 82 2.57 -22.12 -33.50
N ASN F 83 2.57 -21.57 -34.72
CA ASN F 83 3.22 -22.21 -35.85
C ASN F 83 4.71 -22.39 -35.59
N ASP F 84 5.44 -21.29 -35.46
CA ASP F 84 6.87 -21.33 -35.11
C ASP F 84 7.04 -21.01 -33.63
N PHE F 85 6.49 -21.90 -32.79
CA PHE F 85 6.48 -21.68 -31.36
C PHE F 85 7.86 -21.85 -30.73
N GLY F 86 8.74 -22.62 -31.35
CA GLY F 86 10.07 -22.79 -30.80
C GLY F 86 10.81 -21.49 -30.69
N LYS F 87 10.88 -20.73 -31.80
CA LYS F 87 11.50 -19.41 -31.75
C LYS F 87 10.86 -18.52 -30.70
N PHE F 88 9.55 -18.67 -30.46
CA PHE F 88 8.88 -17.88 -29.44
C PHE F 88 9.33 -18.27 -28.04
N ASP F 89 9.21 -19.56 -27.70
CA ASP F 89 9.63 -20.02 -26.38
C ASP F 89 11.05 -19.55 -26.06
N LYS F 90 11.95 -19.63 -27.05
CA LYS F 90 13.33 -19.18 -26.83
C LYS F 90 13.37 -17.70 -26.50
N MET F 91 12.74 -16.87 -27.33
CA MET F 91 12.80 -15.42 -27.14
C MET F 91 12.07 -15.00 -25.88
N TYR F 92 10.87 -15.54 -25.64
CA TYR F 92 10.13 -15.15 -24.45
C TYR F 92 10.95 -15.35 -23.18
N SER F 93 11.70 -16.44 -23.11
CA SER F 93 12.48 -16.72 -21.90
C SER F 93 13.59 -15.70 -21.70
N TYR F 94 14.14 -15.17 -22.78
CA TYR F 94 15.07 -14.04 -22.66
C TYR F 94 14.34 -12.78 -22.24
N VAL F 95 13.25 -12.46 -22.93
CA VAL F 95 12.43 -11.30 -22.56
C VAL F 95 12.05 -11.37 -21.08
N ASN F 96 11.65 -12.55 -20.62
CA ASN F 96 11.31 -12.74 -19.22
C ASN F 96 12.52 -12.46 -18.34
N LYS F 97 13.56 -13.28 -18.45
CA LYS F 97 14.80 -13.06 -17.71
C LYS F 97 15.19 -11.59 -17.69
N ALA F 98 15.11 -10.93 -18.85
CA ALA F 98 15.49 -9.52 -18.94
C ALA F 98 14.57 -8.65 -18.10
N TYR F 99 13.27 -8.94 -18.10
CA TYR F 99 12.33 -8.11 -17.35
C TYR F 99 12.61 -8.19 -15.86
N TYR F 100 12.87 -9.39 -15.36
CA TYR F 100 13.01 -9.63 -13.93
C TYR F 100 14.42 -9.35 -13.43
N ASN F 101 15.36 -9.00 -14.31
CA ASN F 101 16.76 -8.83 -13.93
C ASN F 101 17.38 -7.52 -14.37
N ASP F 102 16.73 -6.74 -15.22
CA ASP F 102 17.31 -5.49 -15.72
C ASP F 102 16.31 -4.37 -15.48
N GLY F 103 16.79 -3.30 -14.83
CA GLY F 103 15.89 -2.21 -14.46
C GLY F 103 15.34 -1.46 -15.65
N ASP F 104 16.16 -1.24 -16.68
CA ASP F 104 15.67 -0.55 -17.87
C ASP F 104 14.45 -1.26 -18.44
N ILE F 105 14.47 -2.60 -18.45
CA ILE F 105 13.35 -3.38 -18.96
C ILE F 105 12.19 -3.36 -17.96
N TYR F 106 12.51 -3.55 -16.67
CA TYR F 106 11.48 -3.71 -15.65
C TYR F 106 10.63 -2.46 -15.48
N TYR F 107 11.25 -1.28 -15.50
CA TYR F 107 10.53 -0.03 -15.34
C TYR F 107 10.13 0.60 -16.67
N SER F 108 10.16 -0.17 -17.76
CA SER F 108 9.88 0.35 -19.09
C SER F 108 8.99 -0.55 -19.94
N SER F 109 8.99 -1.85 -19.71
CA SER F 109 8.20 -2.76 -20.50
C SER F 109 6.72 -2.52 -20.26
N TYR F 110 5.94 -2.72 -21.32
CA TYR F 110 4.49 -2.66 -21.26
C TYR F 110 3.87 -4.05 -21.23
N ASP F 111 4.28 -4.91 -22.16
CA ASP F 111 3.73 -6.26 -22.24
C ASP F 111 4.79 -7.18 -22.85
N LEU F 112 5.25 -8.15 -22.06
CA LEU F 112 6.34 -9.02 -22.49
C LEU F 112 5.98 -9.77 -23.76
N TYR F 113 4.71 -10.15 -23.92
CA TYR F 113 4.34 -10.95 -25.08
C TYR F 113 4.60 -10.21 -26.38
N ASP F 114 4.05 -9.00 -26.51
CA ASP F 114 4.27 -8.21 -27.72
C ASP F 114 5.75 -7.94 -27.93
N GLU F 115 6.46 -7.59 -26.85
CA GLU F 115 7.88 -7.28 -26.95
C GLU F 115 8.67 -8.47 -27.48
N THR F 116 8.27 -9.69 -27.10
CA THR F 116 8.87 -10.88 -27.69
C THR F 116 8.63 -10.96 -29.19
N ILE F 117 7.43 -10.64 -29.63
CA ILE F 117 7.13 -10.66 -31.06
C ILE F 117 7.89 -9.55 -31.78
N LYS F 118 7.88 -8.33 -31.23
CA LYS F 118 8.67 -7.27 -31.84
C LYS F 118 10.11 -7.73 -32.03
N LEU F 119 10.64 -8.45 -31.05
CA LEU F 119 12.02 -8.92 -31.12
C LEU F 119 12.21 -10.00 -32.19
N LEU F 120 11.27 -10.94 -32.28
CA LEU F 120 11.37 -11.96 -33.30
C LEU F 120 11.23 -11.37 -34.70
N GLU F 121 10.42 -10.32 -34.83
CA GLU F 121 10.25 -9.67 -36.12
C GLU F 121 11.48 -8.85 -36.49
N LEU F 122 12.16 -8.28 -35.51
CA LEU F 122 13.39 -7.53 -35.77
C LEU F 122 14.53 -8.47 -36.14
N LEU F 123 14.52 -9.69 -35.61
CA LEU F 123 15.54 -10.68 -35.99
C LEU F 123 15.29 -11.21 -37.39
N LYS F 124 14.03 -11.47 -37.75
CA LYS F 124 13.74 -11.92 -39.11
C LYS F 124 14.10 -10.83 -40.12
N GLU F 125 13.88 -9.56 -39.75
CA GLU F 125 14.22 -8.46 -40.64
C GLU F 125 15.73 -8.31 -40.83
N SER F 126 16.52 -8.69 -39.82
CA SER F 126 17.98 -8.65 -39.90
C SER F 126 18.58 -10.00 -40.27
N LYS F 127 17.76 -10.97 -40.66
CA LYS F 127 18.22 -12.29 -41.10
C LYS F 127 19.14 -12.92 -40.05
N ILE F 128 18.64 -13.01 -38.81
CA ILE F 128 19.37 -13.59 -37.69
C ILE F 128 18.55 -14.74 -37.11
N ASN F 129 19.19 -15.89 -36.92
CA ASN F 129 18.53 -17.06 -36.33
C ASN F 129 18.31 -16.87 -34.83
N VAL F 130 17.34 -17.61 -34.28
CA VAL F 130 17.00 -17.46 -32.87
C VAL F 130 17.96 -18.24 -31.98
N ASN F 131 18.41 -19.42 -32.43
CA ASN F 131 19.38 -20.23 -31.71
C ASN F 131 20.81 -19.83 -32.04
N ASP F 132 21.00 -18.62 -32.59
CA ASP F 132 22.32 -18.05 -32.86
C ASP F 132 22.65 -16.83 -32.02
N ILE F 133 21.67 -16.22 -31.35
CA ILE F 133 21.87 -15.07 -30.48
C ILE F 133 21.73 -15.53 -29.03
N ASP F 134 22.36 -14.78 -28.12
CA ASP F 134 22.36 -15.11 -26.69
C ASP F 134 21.64 -14.05 -25.87
N TYR F 135 21.44 -14.36 -24.58
CA TYR F 135 20.68 -13.49 -23.69
C TYR F 135 21.23 -12.07 -23.66
N ASP F 136 22.57 -11.93 -23.67
CA ASP F 136 23.16 -10.61 -23.60
C ASP F 136 22.89 -9.80 -24.89
N TYR F 137 22.92 -10.46 -26.04
CA TYR F 137 22.65 -9.77 -27.29
C TYR F 137 21.19 -9.37 -27.39
N VAL F 138 20.28 -10.27 -27.01
CA VAL F 138 18.86 -9.98 -27.11
C VAL F 138 18.49 -8.82 -26.20
N LEU F 139 19.16 -8.70 -25.05
CA LEU F 139 18.93 -7.58 -24.15
C LEU F 139 19.22 -6.24 -24.83
N LYS F 140 20.39 -6.13 -25.47
CA LYS F 140 20.73 -4.89 -26.17
C LYS F 140 19.62 -4.52 -27.15
N LEU F 141 19.15 -5.48 -27.93
CA LEU F 141 18.05 -5.22 -28.86
C LEU F 141 16.81 -4.78 -28.11
N TYR F 142 16.38 -5.58 -27.13
CA TYR F 142 15.21 -5.27 -26.31
C TYR F 142 15.22 -3.82 -25.82
N LYS F 143 16.36 -3.38 -25.28
CA LYS F 143 16.43 -2.05 -24.69
C LYS F 143 16.23 -0.96 -25.72
N GLN F 144 16.66 -1.19 -26.97
CA GLN F 144 16.44 -0.20 -28.01
C GLN F 144 14.96 -0.05 -28.33
N ILE F 145 14.24 -1.17 -28.42
CA ILE F 145 12.83 -1.13 -28.80
C ILE F 145 11.94 -0.52 -27.73
N LEU F 146 12.48 -0.23 -26.55
CA LEU F 146 11.68 0.37 -25.48
C LEU F 146 11.92 1.87 -25.34
N SER F 147 12.68 2.47 -26.25
CA SER F 147 12.78 3.94 -26.32
C SER F 147 12.64 4.39 -27.78
MG MG G . 0.15 8.07 -5.41
#